data_7NTD
#
_entry.id   7NTD
#
_cell.length_a   49.860
_cell.length_b   52.280
_cell.length_c   68.530
_cell.angle_alpha   101.680
_cell.angle_beta   98.590
_cell.angle_gamma   104.900
#
_symmetry.space_group_name_H-M   'P 1'
#
loop_
_entity.id
_entity.type
_entity.pdbx_description
1 polymer 'TRAP dicarboxylate transporter-DctP subunit'
2 non-polymer '3-(4-HYDROXY-3-METHOXYPHENYL)-2-PROPENOIC ACID'
3 non-polymer 'MAGNESIUM ION'
4 non-polymer 'SULFATE ION'
5 water water
#
_entity_poly.entity_id   1
_entity_poly.type   'polypeptide(L)'
_entity_poly.pdbx_seq_one_letter_code
;MQEAEYTLRLHHFFPASAPVHQEYFLPWKEAIEKESDGRLAVELYPSMQLGGTPPSLYDQAKDGQVDIIWTVLGYNSGRF
PRAEVFDLPFLPTSGAATSQAAHEYAMTHMQDELEGVYPIAVHTHSPGALHTKETRIEALEDIEGLKMRGPSRLVNRYLA
KLGAEPIGMPVAQALEALSRGVLDGTVIPFEAITAMGLADITTEHTIFSGDRALYTTMMIVAMDQDKYDALPEDLQPIID
AHAGGREAYRIGQIMDQADHRQILAIQSGEQPGTITRLGSEETARWQAVGQEVVDEWIAEAEEKGLDGQMLYDDATRLVE
RYTRAAALEHHHHHH
;
_entity_poly.pdbx_strand_id   AAA,BBB
#
# COMPACT_ATOMS: atom_id res chain seq x y z
N ALA A 4 5.26 -5.07 -30.04
CA ALA A 4 4.10 -5.31 -29.11
C ALA A 4 2.79 -5.33 -29.91
N GLU A 5 2.19 -6.50 -30.06
CA GLU A 5 1.02 -6.78 -30.94
C GLU A 5 -0.27 -6.85 -30.11
N TYR A 6 -0.19 -7.34 -28.87
CA TYR A 6 -1.33 -7.49 -27.95
C TYR A 6 -0.90 -6.98 -26.57
N THR A 7 -1.81 -6.30 -25.88
CA THR A 7 -1.61 -5.82 -24.49
C THR A 7 -2.57 -6.63 -23.60
N LEU A 8 -2.07 -7.17 -22.49
CA LEU A 8 -2.91 -7.90 -21.50
C LEU A 8 -2.94 -7.05 -20.23
N ARG A 9 -4.09 -6.45 -19.95
CA ARG A 9 -4.31 -5.67 -18.72
C ARG A 9 -4.72 -6.66 -17.62
N LEU A 10 -3.95 -6.68 -16.55
CA LEU A 10 -4.21 -7.58 -15.39
C LEU A 10 -4.67 -6.69 -14.23
N HIS A 11 -5.85 -6.96 -13.67
CA HIS A 11 -6.52 -6.09 -12.67
C HIS A 11 -6.72 -6.85 -11.36
N HIS A 12 -6.27 -6.28 -10.22
CA HIS A 12 -6.45 -6.95 -8.90
C HIS A 12 -6.73 -5.89 -7.83
N PHE A 13 -7.05 -6.34 -6.61
CA PHE A 13 -7.57 -5.45 -5.54
C PHE A 13 -6.51 -5.26 -4.45
N PHE A 14 -5.33 -5.87 -4.58
CA PHE A 14 -4.24 -5.72 -3.58
C PHE A 14 -3.36 -4.50 -3.89
N PRO A 15 -2.65 -3.93 -2.90
CA PRO A 15 -1.64 -2.91 -3.17
C PRO A 15 -0.46 -3.47 -3.97
N ALA A 16 0.23 -2.62 -4.72
CA ALA A 16 1.38 -3.00 -5.57
C ALA A 16 2.47 -3.65 -4.71
N SER A 17 2.58 -3.25 -3.45
CA SER A 17 3.65 -3.72 -2.54
C SER A 17 3.32 -5.09 -1.97
N ALA A 18 2.14 -5.66 -2.27
CA ALA A 18 1.76 -7.02 -1.81
C ALA A 18 2.74 -8.04 -2.41
N PRO A 19 3.21 -9.03 -1.63
CA PRO A 19 4.16 -10.01 -2.13
C PRO A 19 3.75 -10.71 -3.44
N VAL A 20 2.47 -11.05 -3.65
CA VAL A 20 2.07 -11.76 -4.90
C VAL A 20 2.29 -10.82 -6.11
N HIS A 21 2.14 -9.50 -5.94
CA HIS A 21 2.38 -8.50 -7.02
C HIS A 21 3.87 -8.44 -7.33
N GLN A 22 4.68 -8.20 -6.30
CA GLN A 22 6.15 -8.02 -6.40
C GLN A 22 6.80 -9.31 -6.90
N GLU A 23 6.44 -10.46 -6.34
CA GLU A 23 7.21 -11.73 -6.52
C GLU A 23 6.55 -12.69 -7.51
N TYR A 24 5.28 -12.51 -7.87
CA TYR A 24 4.65 -13.36 -8.91
C TYR A 24 4.27 -12.53 -10.14
N PHE A 25 3.50 -11.45 -10.01
CA PHE A 25 2.93 -10.80 -11.22
C PHE A 25 4.05 -10.11 -11.98
N LEU A 26 4.97 -9.43 -11.30
CA LEU A 26 6.06 -8.73 -12.02
C LEU A 26 6.92 -9.74 -12.78
N PRO A 27 7.40 -10.84 -12.16
CA PRO A 27 8.19 -11.83 -12.90
C PRO A 27 7.36 -12.55 -13.97
N TRP A 28 6.06 -12.72 -13.77
CA TRP A 28 5.18 -13.35 -14.77
C TRP A 28 5.16 -12.45 -16.00
N LYS A 29 4.92 -11.15 -15.78
CA LYS A 29 4.98 -10.08 -16.81
C LYS A 29 6.32 -10.20 -17.55
N GLU A 30 7.41 -10.20 -16.80
CA GLU A 30 8.78 -10.31 -17.38
C GLU A 30 8.86 -11.54 -18.30
N ALA A 31 8.31 -12.67 -17.86
CA ALA A 31 8.44 -13.96 -18.57
C ALA A 31 7.66 -13.89 -19.88
N ILE A 32 6.41 -13.44 -19.80
CA ILE A 32 5.52 -13.35 -21.00
C ILE A 32 6.14 -12.39 -22.03
N GLU A 33 6.69 -11.26 -21.59
CA GLU A 33 7.28 -10.21 -22.47
C GLU A 33 8.60 -10.72 -23.10
N LYS A 34 9.47 -11.36 -22.31
CA LYS A 34 10.71 -12.00 -22.83
C LYS A 34 10.36 -13.12 -23.82
N GLU A 35 9.50 -14.07 -23.43
CA GLU A 35 9.31 -15.35 -24.17
C GLU A 35 8.46 -15.17 -25.44
N SER A 36 7.80 -14.03 -25.60
CA SER A 36 7.04 -13.65 -26.82
C SER A 36 7.89 -12.73 -27.69
N ASP A 37 9.11 -12.41 -27.22
CA ASP A 37 10.10 -11.53 -27.90
C ASP A 37 9.46 -10.15 -28.10
N GLY A 38 8.75 -9.66 -27.08
CA GLY A 38 8.14 -8.31 -27.01
C GLY A 38 6.77 -8.24 -27.67
N ARG A 39 6.30 -9.32 -28.30
CA ARG A 39 5.03 -9.32 -29.08
C ARG A 39 3.83 -9.20 -28.12
N LEU A 40 3.98 -9.65 -26.86
CA LEU A 40 2.97 -9.48 -25.78
C LEU A 40 3.51 -8.48 -24.76
N ALA A 41 2.71 -7.48 -24.40
CA ALA A 41 2.96 -6.61 -23.23
C ALA A 41 1.95 -7.02 -22.16
N VAL A 42 2.37 -7.04 -20.89
CA VAL A 42 1.46 -7.24 -19.73
C VAL A 42 1.50 -5.96 -18.91
N GLU A 43 0.34 -5.42 -18.58
CA GLU A 43 0.19 -4.17 -17.81
C GLU A 43 -0.52 -4.54 -16.51
N LEU A 44 0.06 -4.17 -15.36
CA LEU A 44 -0.47 -4.53 -14.03
C LEU A 44 -1.23 -3.33 -13.50
N TYR A 45 -2.41 -3.58 -12.95
CA TYR A 45 -3.26 -2.54 -12.34
C TYR A 45 -3.63 -2.99 -10.96
N PRO A 46 -2.92 -2.55 -9.90
CA PRO A 46 -3.28 -2.92 -8.54
C PRO A 46 -4.39 -2.04 -7.98
N SER A 47 -4.84 -2.33 -6.76
CA SER A 47 -5.74 -1.48 -5.94
C SER A 47 -7.00 -1.09 -6.71
N MET A 48 -7.56 -1.98 -7.55
CA MET A 48 -8.81 -1.72 -8.32
C MET A 48 -8.67 -0.43 -9.14
N GLN A 49 -7.49 -0.18 -9.70
CA GLN A 49 -7.18 1.06 -10.44
C GLN A 49 -7.72 1.07 -11.89
N LEU A 50 -8.50 0.07 -12.30
CA LEU A 50 -9.29 0.17 -13.56
C LEU A 50 -10.78 0.26 -13.23
N GLY A 51 -11.10 0.42 -11.94
CA GLY A 51 -12.47 0.69 -11.46
C GLY A 51 -13.26 -0.54 -11.06
N GLY A 52 -14.39 -0.32 -10.41
CA GLY A 52 -15.33 -1.38 -10.00
C GLY A 52 -15.01 -1.88 -8.62
N THR A 53 -15.64 -2.99 -8.22
CA THR A 53 -15.65 -3.58 -6.85
C THR A 53 -14.85 -4.86 -6.89
N PRO A 54 -14.14 -5.25 -5.80
CA PRO A 54 -13.52 -6.58 -5.80
C PRO A 54 -14.44 -7.68 -6.31
N PRO A 55 -15.70 -7.85 -5.84
CA PRO A 55 -16.55 -8.93 -6.34
C PRO A 55 -16.85 -8.85 -7.85
N SER A 56 -16.75 -7.66 -8.45
CA SER A 56 -17.01 -7.49 -9.91
C SER A 56 -15.83 -8.03 -10.74
N LEU A 57 -14.69 -8.36 -10.13
CA LEU A 57 -13.46 -8.67 -10.93
C LEU A 57 -13.67 -9.87 -11.85
N TYR A 58 -14.27 -10.97 -11.37
CA TYR A 58 -14.41 -12.21 -12.16
C TYR A 58 -15.08 -11.85 -13.49
N ASP A 59 -16.15 -11.06 -13.46
CA ASP A 59 -16.93 -10.68 -14.68
C ASP A 59 -16.12 -9.72 -15.55
N GLN A 60 -15.26 -8.88 -14.94
CA GLN A 60 -14.41 -7.95 -15.72
C GLN A 60 -13.58 -8.76 -16.72
N ALA A 61 -13.08 -9.93 -16.33
CA ALA A 61 -12.28 -10.82 -17.22
C ALA A 61 -13.22 -11.57 -18.16
N LYS A 62 -14.23 -12.23 -17.61
CA LYS A 62 -15.15 -13.08 -18.39
C LYS A 62 -15.76 -12.27 -19.53
N ASP A 63 -16.03 -10.97 -19.31
CA ASP A 63 -16.77 -10.08 -20.25
C ASP A 63 -15.82 -9.16 -21.03
N GLY A 64 -14.51 -9.27 -20.83
CA GLY A 64 -13.50 -8.59 -21.67
C GLY A 64 -13.32 -7.12 -21.39
N GLN A 65 -13.73 -6.62 -20.21
CA GLN A 65 -13.42 -5.22 -19.79
C GLN A 65 -11.91 -5.13 -19.50
N VAL A 66 -11.35 -6.19 -18.91
CA VAL A 66 -9.89 -6.40 -18.73
C VAL A 66 -9.56 -7.80 -19.27
N ASP A 67 -8.28 -8.14 -19.40
CA ASP A 67 -7.84 -9.44 -19.99
C ASP A 67 -7.66 -10.48 -18.86
N ILE A 68 -7.09 -10.07 -17.73
CA ILE A 68 -6.74 -11.00 -16.62
C ILE A 68 -7.17 -10.34 -15.29
N ILE A 69 -7.75 -11.15 -14.40
CA ILE A 69 -8.08 -10.72 -13.01
C ILE A 69 -7.46 -11.69 -12.02
N TRP A 70 -7.21 -11.21 -10.82
CA TRP A 70 -6.94 -12.06 -9.64
C TRP A 70 -8.07 -11.81 -8.64
N THR A 71 -8.78 -12.86 -8.25
CA THR A 71 -9.93 -12.66 -7.31
C THR A 71 -10.16 -13.88 -6.44
N VAL A 72 -11.10 -13.73 -5.52
CA VAL A 72 -11.58 -14.74 -4.56
C VAL A 72 -12.93 -15.26 -5.06
N LEU A 73 -13.07 -16.54 -5.35
CA LEU A 73 -14.34 -17.07 -5.90
C LEU A 73 -15.47 -16.84 -4.91
N GLY A 74 -15.21 -16.95 -3.60
CA GLY A 74 -16.22 -16.82 -2.53
C GLY A 74 -16.77 -15.40 -2.41
N TYR A 75 -16.19 -14.42 -3.11
CA TYR A 75 -16.73 -13.03 -3.08
C TYR A 75 -18.09 -12.97 -3.79
N ASN A 76 -18.37 -13.99 -4.60
CA ASN A 76 -19.64 -14.12 -5.35
C ASN A 76 -20.41 -15.25 -4.69
N SER A 77 -21.22 -14.90 -3.71
CA SER A 77 -21.99 -15.86 -2.88
C SER A 77 -22.83 -16.75 -3.81
N GLY A 78 -22.65 -18.07 -3.71
CA GLY A 78 -23.50 -19.06 -4.43
C GLY A 78 -23.01 -19.33 -5.84
N ARG A 79 -22.06 -18.56 -6.35
CA ARG A 79 -21.66 -18.63 -7.77
C ARG A 79 -20.82 -19.89 -8.06
N PHE A 80 -19.94 -20.30 -7.14
CA PHE A 80 -18.93 -21.38 -7.36
C PHE A 80 -19.13 -22.45 -6.29
N PRO A 81 -20.24 -23.21 -6.33
CA PRO A 81 -20.58 -24.15 -5.26
C PRO A 81 -19.53 -25.24 -5.03
N ARG A 82 -18.89 -25.78 -6.07
CA ARG A 82 -17.92 -26.89 -5.92
C ARG A 82 -16.63 -26.37 -5.31
N ALA A 83 -16.23 -25.13 -5.67
CA ALA A 83 -15.04 -24.43 -5.11
C ALA A 83 -15.18 -24.24 -3.59
N GLU A 84 -16.39 -24.21 -3.04
CA GLU A 84 -16.62 -23.93 -1.59
C GLU A 84 -16.06 -25.08 -0.73
N VAL A 85 -15.84 -26.26 -1.29
CA VAL A 85 -15.17 -27.36 -0.55
C VAL A 85 -13.86 -26.86 0.09
N PHE A 86 -13.12 -25.96 -0.56
CA PHE A 86 -11.78 -25.52 -0.10
C PHE A 86 -11.93 -24.48 1.04
N ASP A 87 -13.15 -24.07 1.37
CA ASP A 87 -13.45 -23.19 2.55
C ASP A 87 -13.67 -23.98 3.84
N LEU A 88 -13.61 -25.32 3.82
CA LEU A 88 -14.12 -26.08 4.98
C LEU A 88 -13.07 -26.10 6.10
N PRO A 89 -13.48 -26.15 7.38
CA PRO A 89 -12.53 -26.05 8.48
C PRO A 89 -11.49 -27.20 8.49
N PHE A 90 -10.24 -26.83 8.73
CA PHE A 90 -9.07 -27.74 8.91
C PHE A 90 -8.83 -28.60 7.67
N LEU A 91 -9.30 -28.18 6.49
CA LEU A 91 -8.99 -28.89 5.23
C LEU A 91 -7.54 -28.58 4.81
N PRO A 92 -7.05 -27.32 4.84
CA PRO A 92 -5.77 -27.00 4.20
C PRO A 92 -4.52 -27.18 5.06
N THR A 93 -3.40 -27.33 4.35
CA THR A 93 -2.01 -27.24 4.87
C THR A 93 -1.42 -25.91 4.38
N SER A 94 -0.29 -25.96 3.67
CA SER A 94 0.46 -24.78 3.20
C SER A 94 -0.28 -24.12 2.04
N GLY A 95 0.00 -22.85 1.77
CA GLY A 95 -0.40 -22.18 0.52
C GLY A 95 0.00 -23.04 -0.66
N ALA A 96 1.26 -23.52 -0.68
CA ALA A 96 1.87 -24.20 -1.85
C ALA A 96 1.15 -25.53 -2.13
N ALA A 97 1.13 -26.44 -1.16
CA ALA A 97 0.45 -27.75 -1.28
C ALA A 97 -1.05 -27.59 -1.55
N THR A 98 -1.76 -26.72 -0.83
CA THR A 98 -3.23 -26.63 -0.96
C THR A 98 -3.54 -26.02 -2.33
N SER A 99 -2.67 -25.15 -2.83
CA SER A 99 -2.86 -24.46 -4.14
C SER A 99 -2.77 -25.51 -5.23
N GLN A 100 -1.80 -26.40 -5.13
CA GLN A 100 -1.66 -27.55 -6.06
C GLN A 100 -2.93 -28.39 -6.06
N ALA A 101 -3.45 -28.71 -4.89
CA ALA A 101 -4.70 -29.50 -4.69
C ALA A 101 -5.89 -28.78 -5.31
N ALA A 102 -6.07 -27.49 -4.99
CA ALA A 102 -7.12 -26.63 -5.61
C ALA A 102 -7.07 -26.71 -7.14
N HIS A 103 -5.89 -26.58 -7.74
CA HIS A 103 -5.79 -26.48 -9.22
C HIS A 103 -6.23 -27.81 -9.83
N GLU A 104 -5.68 -28.92 -9.33
CA GLU A 104 -6.05 -30.31 -9.76
C GLU A 104 -7.56 -30.53 -9.55
N TYR A 105 -8.07 -30.15 -8.38
CA TYR A 105 -9.49 -30.28 -8.01
C TYR A 105 -10.36 -29.52 -9.01
N ALA A 106 -10.01 -28.27 -9.31
CA ALA A 106 -10.77 -27.40 -10.23
C ALA A 106 -10.69 -27.95 -11.67
N MET A 107 -9.55 -28.52 -12.07
CA MET A 107 -9.41 -29.12 -13.43
C MET A 107 -10.29 -30.37 -13.48
N THR A 108 -10.49 -31.07 -12.35
CA THR A 108 -11.34 -32.30 -12.29
C THR A 108 -12.83 -31.93 -12.21
N HIS A 109 -13.22 -30.94 -11.40
CA HIS A 109 -14.64 -30.83 -10.92
C HIS A 109 -15.33 -29.51 -11.34
N MET A 110 -14.59 -28.51 -11.80
CA MET A 110 -15.07 -27.10 -11.91
C MET A 110 -14.97 -26.60 -13.35
N GLN A 111 -14.95 -27.50 -14.34
CA GLN A 111 -14.93 -27.11 -15.78
C GLN A 111 -16.19 -26.27 -16.10
N ASP A 112 -17.39 -26.70 -15.71
CA ASP A 112 -18.65 -25.94 -15.98
C ASP A 112 -18.64 -24.64 -15.17
N GLU A 113 -18.17 -24.69 -13.93
CA GLU A 113 -18.15 -23.51 -13.02
C GLU A 113 -17.29 -22.38 -13.58
N LEU A 114 -16.17 -22.70 -14.24
CA LEU A 114 -15.19 -21.72 -14.78
C LEU A 114 -15.34 -21.51 -16.29
N GLU A 115 -16.46 -21.92 -16.91
CA GLU A 115 -16.61 -21.73 -18.38
C GLU A 115 -16.64 -20.22 -18.65
N GLY A 116 -15.85 -19.74 -19.61
CA GLY A 116 -15.76 -18.32 -19.97
C GLY A 116 -14.46 -17.67 -19.47
N VAL A 117 -13.67 -18.40 -18.68
CA VAL A 117 -12.29 -17.95 -18.37
C VAL A 117 -11.31 -19.09 -18.65
N TYR A 118 -10.12 -18.71 -19.07
CA TYR A 118 -8.91 -19.54 -19.13
C TYR A 118 -8.20 -19.37 -17.80
N PRO A 119 -8.15 -20.41 -16.94
CA PRO A 119 -7.51 -20.29 -15.64
C PRO A 119 -5.99 -20.38 -15.74
N ILE A 120 -5.31 -19.28 -15.45
CA ILE A 120 -3.81 -19.26 -15.40
C ILE A 120 -3.39 -20.03 -14.14
N ALA A 121 -4.08 -19.80 -13.01
CA ALA A 121 -3.87 -20.52 -11.75
C ALA A 121 -5.15 -20.52 -10.92
N VAL A 122 -5.59 -21.70 -10.51
CA VAL A 122 -6.64 -21.87 -9.48
C VAL A 122 -5.88 -22.30 -8.21
N HIS A 123 -5.96 -21.52 -7.14
CA HIS A 123 -5.06 -21.71 -5.99
C HIS A 123 -5.81 -21.36 -4.69
N THR A 124 -5.10 -21.34 -3.57
CA THR A 124 -5.69 -20.86 -2.29
C THR A 124 -4.67 -19.92 -1.67
N HIS A 125 -5.04 -19.25 -0.60
CA HIS A 125 -4.04 -18.47 0.16
C HIS A 125 -3.42 -19.40 1.19
N SER A 126 -2.41 -18.91 1.87
CA SER A 126 -1.69 -19.60 2.96
C SER A 126 -2.61 -19.70 4.18
N PRO A 127 -2.17 -20.41 5.25
CA PRO A 127 -3.08 -20.70 6.37
C PRO A 127 -3.81 -19.46 6.90
N GLY A 128 -5.15 -19.49 6.95
CA GLY A 128 -5.98 -18.46 7.58
C GLY A 128 -5.70 -18.37 9.07
N ALA A 129 -5.78 -17.19 9.65
CA ALA A 129 -5.52 -17.03 11.09
C ALA A 129 -6.49 -16.00 11.63
N LEU A 130 -6.60 -15.92 12.94
CA LEU A 130 -7.53 -15.00 13.62
C LEU A 130 -6.77 -13.75 14.00
N HIS A 131 -7.28 -12.58 13.65
CA HIS A 131 -6.65 -11.30 14.03
C HIS A 131 -7.71 -10.43 14.68
N THR A 132 -7.39 -9.86 15.82
CA THR A 132 -8.33 -8.98 16.56
C THR A 132 -7.59 -7.74 17.02
N LYS A 133 -8.35 -6.69 17.32
CA LYS A 133 -7.80 -5.38 17.77
C LYS A 133 -7.34 -5.48 19.23
N GLU A 134 -8.13 -6.10 20.10
CA GLU A 134 -7.99 -5.97 21.58
C GLU A 134 -8.05 -7.34 22.25
N THR A 135 -8.95 -8.23 21.80
CA THR A 135 -9.23 -9.52 22.48
C THR A 135 -8.17 -10.56 22.12
N ARG A 136 -7.37 -10.99 23.09
CA ARG A 136 -6.42 -12.11 22.88
C ARG A 136 -7.20 -13.41 22.87
N ILE A 137 -7.25 -14.12 21.74
CA ILE A 137 -8.02 -15.39 21.64
C ILE A 137 -7.13 -16.53 22.13
N GLU A 138 -7.38 -16.96 23.38
CA GLU A 138 -6.61 -18.04 24.07
C GLU A 138 -7.45 -19.31 24.16
N ALA A 139 -8.76 -19.18 23.93
CA ALA A 139 -9.74 -20.29 24.04
C ALA A 139 -10.96 -19.97 23.17
N LEU A 140 -11.78 -20.98 22.94
CA LEU A 140 -13.01 -20.87 22.12
C LEU A 140 -13.91 -19.78 22.71
N GLU A 141 -13.94 -19.66 24.05
CA GLU A 141 -14.79 -18.70 24.81
C GLU A 141 -14.45 -17.26 24.41
N ASP A 142 -13.20 -16.98 24.06
CA ASP A 142 -12.71 -15.61 23.81
C ASP A 142 -13.27 -15.08 22.48
N ILE A 143 -13.69 -15.92 21.55
CA ILE A 143 -14.21 -15.42 20.23
C ILE A 143 -15.70 -15.12 20.35
N GLU A 144 -16.34 -15.52 21.46
CA GLU A 144 -17.81 -15.34 21.68
C GLU A 144 -18.19 -13.87 21.51
N GLY A 145 -19.08 -13.59 20.56
CA GLY A 145 -19.67 -12.24 20.39
C GLY A 145 -18.76 -11.28 19.64
N LEU A 146 -17.56 -11.68 19.24
CA LEU A 146 -16.64 -10.82 18.42
C LEU A 146 -17.23 -10.69 17.02
N LYS A 147 -17.27 -9.45 16.52
CA LYS A 147 -17.68 -9.12 15.13
C LYS A 147 -16.47 -9.39 14.24
N MET A 148 -16.55 -10.44 13.41
CA MET A 148 -15.39 -10.98 12.69
C MET A 148 -15.73 -11.11 11.20
N ARG A 149 -14.79 -10.82 10.33
CA ARG A 149 -15.02 -10.86 8.88
C ARG A 149 -14.28 -12.05 8.30
N GLY A 150 -14.97 -12.83 7.48
CA GLY A 150 -14.38 -13.90 6.68
C GLY A 150 -14.57 -13.64 5.19
N PRO A 151 -13.81 -14.35 4.33
CA PRO A 151 -13.87 -14.16 2.87
C PRO A 151 -15.14 -14.61 2.12
N SER A 152 -15.90 -15.52 2.73
CA SER A 152 -16.93 -16.34 2.05
C SER A 152 -18.04 -16.72 3.05
N ARG A 153 -19.17 -17.14 2.52
CA ARG A 153 -20.34 -17.46 3.35
C ARG A 153 -20.04 -18.73 4.19
N LEU A 154 -19.19 -19.63 3.70
CA LEU A 154 -18.88 -20.90 4.40
C LEU A 154 -17.88 -20.62 5.53
N VAL A 155 -16.95 -19.70 5.33
CA VAL A 155 -16.03 -19.35 6.44
C VAL A 155 -16.84 -18.56 7.49
N ASN A 156 -17.78 -17.71 7.05
CA ASN A 156 -18.62 -16.90 7.96
C ASN A 156 -19.55 -17.83 8.77
N ARG A 157 -20.04 -18.89 8.14
CA ARG A 157 -20.85 -19.96 8.82
C ARG A 157 -20.04 -20.60 9.96
N TYR A 158 -18.76 -20.89 9.74
CA TYR A 158 -17.87 -21.49 10.77
C TYR A 158 -17.68 -20.48 11.90
N LEU A 159 -17.45 -19.21 11.57
CA LEU A 159 -17.28 -18.14 12.57
C LEU A 159 -18.49 -18.09 13.50
N ALA A 160 -19.71 -18.14 12.96
CA ALA A 160 -20.97 -18.09 13.72
C ALA A 160 -21.06 -19.32 14.62
N LYS A 161 -20.80 -20.50 14.06
CA LYS A 161 -20.77 -21.81 14.81
C LYS A 161 -19.77 -21.73 15.96
N LEU A 162 -18.66 -21.01 15.78
CA LEU A 162 -17.61 -20.86 16.82
C LEU A 162 -18.07 -19.84 17.86
N GLY A 163 -19.11 -19.06 17.56
CA GLY A 163 -19.79 -18.14 18.49
C GLY A 163 -19.53 -16.68 18.18
N ALA A 164 -18.76 -16.38 17.14
CA ALA A 164 -18.52 -15.01 16.61
C ALA A 164 -19.78 -14.49 15.91
N GLU A 165 -19.80 -13.20 15.60
CA GLU A 165 -20.83 -12.53 14.78
C GLU A 165 -20.15 -12.15 13.47
N PRO A 166 -20.31 -12.99 12.42
CA PRO A 166 -19.64 -12.76 11.15
C PRO A 166 -20.31 -11.56 10.47
N ILE A 167 -19.49 -10.75 9.79
CA ILE A 167 -19.97 -9.63 8.93
C ILE A 167 -19.21 -9.78 7.62
N GLY A 168 -19.90 -10.17 6.55
CA GLY A 168 -19.26 -10.41 5.25
C GLY A 168 -18.87 -9.10 4.57
N MET A 169 -17.69 -9.10 3.95
CA MET A 169 -17.23 -8.02 3.04
C MET A 169 -15.86 -8.39 2.46
N PRO A 170 -15.51 -7.85 1.29
CA PRO A 170 -14.17 -8.02 0.74
C PRO A 170 -13.10 -7.51 1.74
N VAL A 171 -11.92 -8.12 1.72
CA VAL A 171 -10.81 -7.78 2.67
C VAL A 171 -10.38 -6.32 2.45
N ALA A 172 -10.47 -5.81 1.22
CA ALA A 172 -10.10 -4.40 0.89
C ALA A 172 -11.00 -3.42 1.67
N GLN A 173 -12.11 -3.90 2.25
CA GLN A 173 -13.07 -3.09 3.04
C GLN A 173 -12.81 -3.21 4.55
N ALA A 174 -12.00 -4.17 4.99
CA ALA A 174 -11.80 -4.48 6.42
C ALA A 174 -11.12 -3.32 7.16
N LEU A 175 -10.11 -2.67 6.57
CA LEU A 175 -9.32 -1.65 7.32
C LEU A 175 -10.27 -0.52 7.71
N GLU A 176 -11.06 -0.06 6.75
CA GLU A 176 -12.10 0.97 6.99
C GLU A 176 -13.02 0.53 8.12
N ALA A 177 -13.54 -0.70 8.09
CA ALA A 177 -14.58 -1.21 9.02
C ALA A 177 -14.01 -1.42 10.44
N LEU A 178 -12.77 -1.88 10.54
CA LEU A 178 -12.10 -2.04 11.85
C LEU A 178 -11.93 -0.65 12.48
N SER A 179 -11.35 0.29 11.73
CA SER A 179 -11.04 1.66 12.20
C SER A 179 -12.35 2.34 12.62
N ARG A 180 -13.44 1.98 11.93
CA ARG A 180 -14.79 2.55 12.13
C ARG A 180 -15.54 1.82 13.25
N GLY A 181 -15.04 0.69 13.76
CA GLY A 181 -15.66 -0.04 14.89
C GLY A 181 -16.75 -1.02 14.47
N VAL A 182 -16.91 -1.30 13.18
CA VAL A 182 -17.90 -2.30 12.67
C VAL A 182 -17.39 -3.72 13.00
N LEU A 183 -16.08 -3.93 12.86
CA LEU A 183 -15.37 -5.21 13.08
C LEU A 183 -14.54 -5.13 14.36
N ASP A 184 -14.48 -6.21 15.12
CA ASP A 184 -13.46 -6.44 16.20
C ASP A 184 -12.18 -7.06 15.62
N GLY A 185 -12.32 -7.85 14.56
CA GLY A 185 -11.20 -8.55 13.92
C GLY A 185 -11.59 -9.14 12.58
N THR A 186 -10.68 -9.92 12.00
CA THR A 186 -10.88 -10.56 10.68
C THR A 186 -10.11 -11.86 10.67
N VAL A 187 -10.54 -12.83 9.87
CA VAL A 187 -9.64 -13.95 9.48
C VAL A 187 -8.96 -13.58 8.15
N ILE A 188 -7.67 -13.85 8.03
CA ILE A 188 -6.82 -13.72 6.80
C ILE A 188 -5.50 -14.44 7.08
N PRO A 189 -4.72 -14.79 6.03
CA PRO A 189 -3.33 -15.19 6.21
C PRO A 189 -2.55 -13.96 6.69
N PHE A 190 -1.33 -14.20 7.15
CA PHE A 190 -0.38 -13.13 7.57
C PHE A 190 0.28 -12.47 6.35
N GLU A 191 0.31 -13.13 5.18
CA GLU A 191 1.29 -12.82 4.10
C GLU A 191 1.25 -11.35 3.70
N ALA A 192 0.08 -10.71 3.65
CA ALA A 192 -0.06 -9.35 3.08
C ALA A 192 -0.48 -8.34 4.15
N ILE A 193 -0.42 -8.76 5.43
CA ILE A 193 -0.99 -8.01 6.59
C ILE A 193 -0.22 -6.69 6.72
N THR A 194 1.07 -6.65 6.36
CA THR A 194 1.91 -5.41 6.37
C THR A 194 1.54 -4.53 5.17
N ALA A 195 1.40 -5.10 3.97
CA ALA A 195 1.07 -4.35 2.73
C ALA A 195 -0.35 -3.74 2.85
N MET A 196 -1.31 -4.42 3.50
CA MET A 196 -2.72 -3.97 3.67
C MET A 196 -2.88 -3.02 4.88
N GLY A 197 -1.81 -2.86 5.66
CA GLY A 197 -1.71 -1.94 6.80
C GLY A 197 -2.60 -2.35 7.96
N LEU A 198 -2.80 -3.64 8.19
CA LEU A 198 -3.65 -4.15 9.29
C LEU A 198 -2.81 -4.46 10.54
N ALA A 199 -1.49 -4.60 10.41
CA ALA A 199 -0.60 -5.12 11.47
C ALA A 199 -0.66 -4.26 12.73
N ASP A 200 -0.87 -2.94 12.62
CA ASP A 200 -0.88 -2.02 13.79
C ASP A 200 -2.31 -1.83 14.30
N ILE A 201 -3.29 -2.40 13.60
CA ILE A 201 -4.73 -2.31 14.00
C ILE A 201 -5.11 -3.65 14.65
N THR A 202 -4.94 -4.77 13.95
CA THR A 202 -5.18 -6.12 14.51
C THR A 202 -3.85 -6.68 15.02
N THR A 203 -3.48 -6.38 16.28
CA THR A 203 -2.17 -6.74 16.89
C THR A 203 -2.24 -8.05 17.69
N GLU A 204 -3.42 -8.67 17.84
CA GLU A 204 -3.53 -9.99 18.50
C GLU A 204 -3.75 -11.00 17.38
N HIS A 205 -2.92 -12.02 17.31
CA HIS A 205 -3.02 -13.06 16.25
C HIS A 205 -3.07 -14.45 16.90
N THR A 206 -3.99 -15.30 16.46
CA THR A 206 -4.12 -16.69 16.99
C THR A 206 -3.93 -17.67 15.85
N ILE A 207 -3.08 -18.68 16.08
CA ILE A 207 -2.82 -19.84 15.17
C ILE A 207 -2.96 -21.11 16.01
N PHE A 208 -2.97 -22.24 15.33
CA PHE A 208 -3.45 -23.54 15.89
C PHE A 208 -2.31 -24.56 15.82
N SER A 209 -2.47 -25.61 16.61
CA SER A 209 -1.55 -26.76 16.66
C SER A 209 -1.92 -27.69 15.51
N GLY A 210 -0.99 -28.56 15.14
CA GLY A 210 -1.26 -29.69 14.25
C GLY A 210 -0.98 -29.40 12.79
N ASP A 211 -1.27 -30.38 11.94
CA ASP A 211 -0.80 -30.51 10.53
C ASP A 211 -1.86 -29.95 9.55
N ARG A 212 -2.88 -29.25 10.04
CA ARG A 212 -3.89 -28.57 9.16
C ARG A 212 -4.17 -27.16 9.68
N ALA A 213 -4.48 -26.23 8.76
CA ALA A 213 -4.78 -24.81 9.05
C ALA A 213 -6.28 -24.63 9.30
N LEU A 214 -6.66 -23.56 10.00
CA LEU A 214 -8.07 -23.26 10.37
C LEU A 214 -8.95 -23.26 9.11
N TYR A 215 -8.53 -22.57 8.07
CA TYR A 215 -9.31 -22.49 6.80
C TYR A 215 -8.41 -21.87 5.72
N THR A 216 -8.82 -22.00 4.48
CA THR A 216 -8.33 -21.15 3.37
C THR A 216 -9.54 -20.84 2.48
N THR A 217 -9.32 -20.29 1.29
CA THR A 217 -10.41 -20.04 0.32
C THR A 217 -9.81 -20.04 -1.07
N MET A 218 -10.61 -20.44 -2.07
CA MET A 218 -10.12 -20.63 -3.43
C MET A 218 -10.09 -19.29 -4.15
N MET A 219 -9.00 -19.08 -4.88
CA MET A 219 -8.65 -17.85 -5.63
C MET A 219 -8.33 -18.24 -7.07
N ILE A 220 -8.51 -17.31 -8.00
CA ILE A 220 -8.23 -17.60 -9.42
C ILE A 220 -7.50 -16.44 -10.07
N VAL A 221 -6.45 -16.78 -10.82
CA VAL A 221 -5.88 -15.88 -11.86
C VAL A 221 -6.54 -16.33 -13.17
N ALA A 222 -7.50 -15.53 -13.67
CA ALA A 222 -8.43 -15.91 -14.75
C ALA A 222 -8.26 -14.94 -15.91
N MET A 223 -8.05 -15.46 -17.11
CA MET A 223 -7.94 -14.63 -18.33
C MET A 223 -9.24 -14.77 -19.10
N ASP A 224 -9.69 -13.73 -19.78
CA ASP A 224 -10.92 -13.75 -20.62
C ASP A 224 -10.70 -14.84 -21.68
N GLN A 225 -11.58 -15.83 -21.74
CA GLN A 225 -11.43 -16.97 -22.71
C GLN A 225 -11.40 -16.43 -24.14
N ASP A 226 -12.07 -15.30 -24.39
CA ASP A 226 -12.13 -14.61 -25.71
C ASP A 226 -10.77 -13.97 -26.03
N LYS A 227 -10.02 -13.46 -25.05
CA LYS A 227 -8.72 -12.79 -25.34
C LYS A 227 -7.70 -13.88 -25.68
N TYR A 228 -7.66 -14.94 -24.87
CA TYR A 228 -6.80 -16.13 -25.10
C TYR A 228 -7.06 -16.64 -26.52
N ASP A 229 -8.34 -16.92 -26.82
CA ASP A 229 -8.78 -17.61 -28.06
C ASP A 229 -8.41 -16.75 -29.27
N ALA A 230 -8.31 -15.43 -29.09
CA ALA A 230 -8.05 -14.43 -30.15
C ALA A 230 -6.55 -14.26 -30.38
N LEU A 231 -5.69 -14.78 -29.49
CA LEU A 231 -4.22 -14.72 -29.67
C LEU A 231 -3.85 -15.64 -30.84
N PRO A 232 -2.81 -15.32 -31.64
CA PRO A 232 -2.38 -16.19 -32.72
C PRO A 232 -1.77 -17.50 -32.20
N GLU A 233 -1.90 -18.56 -33.00
CA GLU A 233 -1.53 -19.97 -32.66
C GLU A 233 -0.10 -20.06 -32.09
N ASP A 234 0.82 -19.15 -32.42
CA ASP A 234 2.22 -19.24 -31.91
C ASP A 234 2.37 -18.45 -30.61
N LEU A 235 1.32 -17.75 -30.13
CA LEU A 235 1.40 -16.97 -28.84
C LEU A 235 0.54 -17.65 -27.75
N GLN A 236 -0.54 -18.35 -28.11
CA GLN A 236 -1.34 -19.16 -27.15
C GLN A 236 -0.40 -20.02 -26.30
N PRO A 237 0.56 -20.80 -26.89
CA PRO A 237 1.53 -21.56 -26.11
C PRO A 237 2.46 -20.78 -25.16
N ILE A 238 2.67 -19.47 -25.35
CA ILE A 238 3.45 -18.67 -24.35
C ILE A 238 2.64 -18.60 -23.04
N ILE A 239 1.32 -18.42 -23.15
CA ILE A 239 0.38 -18.38 -21.99
C ILE A 239 0.35 -19.78 -21.35
N ASP A 240 0.15 -20.85 -22.13
CA ASP A 240 0.04 -22.24 -21.60
C ASP A 240 1.31 -22.58 -20.80
N ALA A 241 2.48 -22.14 -21.28
CA ALA A 241 3.78 -22.45 -20.66
C ALA A 241 3.92 -21.69 -19.33
N HIS A 242 3.06 -20.69 -19.08
CA HIS A 242 3.09 -19.84 -17.85
C HIS A 242 1.73 -19.91 -17.15
N ALA A 243 1.06 -21.06 -17.27
CA ALA A 243 -0.26 -21.38 -16.68
C ALA A 243 -0.25 -22.77 -16.08
N GLY A 244 -1.18 -23.03 -15.14
CA GLY A 244 -1.50 -24.37 -14.62
C GLY A 244 -1.02 -24.60 -13.19
N GLY A 245 -0.99 -25.87 -12.77
CA GLY A 245 -0.75 -26.32 -11.40
C GLY A 245 0.54 -25.78 -10.82
N ARG A 246 1.58 -25.65 -11.66
CA ARG A 246 2.92 -25.15 -11.27
C ARG A 246 2.84 -23.66 -10.95
N GLU A 247 1.95 -22.90 -11.60
CA GLU A 247 1.72 -21.47 -11.27
C GLU A 247 0.98 -21.39 -9.93
N ALA A 248 -0.02 -22.24 -9.72
CA ALA A 248 -0.75 -22.34 -8.44
C ALA A 248 0.28 -22.57 -7.33
N TYR A 249 1.19 -23.52 -7.52
CA TYR A 249 2.20 -23.87 -6.48
C TYR A 249 3.02 -22.63 -6.12
N ARG A 250 3.46 -21.93 -7.17
CA ARG A 250 4.38 -20.78 -7.10
C ARG A 250 3.71 -19.67 -6.26
N ILE A 251 2.45 -19.36 -6.56
CA ILE A 251 1.68 -18.31 -5.82
C ILE A 251 1.57 -18.75 -4.35
N GLY A 252 1.20 -20.01 -4.13
CA GLY A 252 1.06 -20.55 -2.77
C GLY A 252 2.33 -20.41 -1.97
N GLN A 253 3.47 -20.68 -2.62
CA GLN A 253 4.81 -20.73 -2.00
C GLN A 253 5.25 -19.31 -1.64
N ILE A 254 4.96 -18.36 -2.53
CA ILE A 254 5.25 -16.91 -2.27
C ILE A 254 4.48 -16.49 -1.03
N MET A 255 3.20 -16.88 -0.93
CA MET A 255 2.38 -16.58 0.27
C MET A 255 2.98 -17.24 1.52
N ASP A 256 3.34 -18.52 1.42
CA ASP A 256 3.95 -19.25 2.56
C ASP A 256 5.20 -18.49 3.02
N GLN A 257 6.05 -18.07 2.10
CA GLN A 257 7.32 -17.39 2.43
C GLN A 257 7.06 -16.03 3.07
N ALA A 258 6.13 -15.24 2.53
CA ALA A 258 5.71 -13.94 3.10
C ALA A 258 5.12 -14.14 4.50
N ASP A 259 4.29 -15.16 4.69
CA ASP A 259 3.78 -15.52 6.04
C ASP A 259 4.95 -15.67 7.01
N HIS A 260 5.96 -16.45 6.64
CA HIS A 260 7.10 -16.78 7.54
C HIS A 260 7.83 -15.49 7.92
N ARG A 261 8.14 -14.64 6.94
CA ARG A 261 8.82 -13.35 7.21
C ARG A 261 7.98 -12.55 8.21
N GLN A 262 6.66 -12.50 8.00
CA GLN A 262 5.74 -11.65 8.80
C GLN A 262 5.63 -12.19 10.24
N ILE A 263 5.53 -13.50 10.37
CA ILE A 263 5.35 -14.14 11.71
C ILE A 263 6.65 -13.95 12.51
N LEU A 264 7.79 -14.11 11.84
CA LEU A 264 9.15 -13.93 12.43
C LEU A 264 9.23 -12.51 12.95
N ALA A 265 8.75 -11.54 12.17
CA ALA A 265 8.89 -10.10 12.49
C ALA A 265 8.07 -9.77 13.75
N ILE A 266 6.92 -10.40 13.94
CA ILE A 266 6.08 -10.21 15.17
C ILE A 266 6.72 -10.96 16.36
N GLN A 267 7.09 -12.23 16.18
CA GLN A 267 7.69 -13.06 17.26
C GLN A 267 8.95 -12.33 17.78
N SER A 268 9.69 -11.66 16.91
CA SER A 268 11.02 -11.07 17.28
C SER A 268 10.83 -9.69 17.93
N GLY A 269 9.63 -9.11 17.90
CA GLY A 269 9.38 -7.76 18.42
C GLY A 269 9.71 -6.69 17.40
N GLU A 270 10.06 -7.09 16.18
CA GLU A 270 10.48 -6.14 15.10
C GLU A 270 9.21 -5.41 14.65
N GLN A 271 8.08 -6.10 14.66
CA GLN A 271 6.75 -5.49 14.44
C GLN A 271 5.91 -5.73 15.69
N PRO A 272 5.14 -4.73 16.15
CA PRO A 272 4.24 -4.88 17.30
C PRO A 272 3.23 -6.01 17.05
N GLY A 273 2.77 -6.60 18.16
CA GLY A 273 1.74 -7.66 18.12
C GLY A 273 2.16 -8.89 18.91
N THR A 274 1.20 -9.77 19.14
CA THR A 274 1.38 -11.06 19.84
C THR A 274 0.81 -12.17 18.94
N ILE A 275 1.57 -13.25 18.78
CA ILE A 275 1.13 -14.54 18.19
C ILE A 275 0.85 -15.52 19.33
N THR A 276 -0.42 -15.87 19.51
CA THR A 276 -0.89 -16.90 20.47
C THR A 276 -1.08 -18.21 19.72
N ARG A 277 -0.31 -19.24 20.10
CA ARG A 277 -0.35 -20.62 19.56
C ARG A 277 -1.25 -21.49 20.46
N LEU A 278 -2.40 -21.93 19.95
CA LEU A 278 -3.30 -22.79 20.76
C LEU A 278 -2.78 -24.23 20.68
N GLY A 279 -2.60 -24.85 21.85
CA GLY A 279 -2.10 -26.21 22.00
C GLY A 279 -3.05 -27.23 21.41
N SER A 280 -2.70 -28.51 21.47
CA SER A 280 -3.47 -29.62 20.84
C SER A 280 -4.86 -29.70 21.49
N GLU A 281 -4.94 -29.53 22.82
CA GLU A 281 -6.20 -29.73 23.56
C GLU A 281 -7.20 -28.65 23.14
N GLU A 282 -6.80 -27.38 23.22
CA GLU A 282 -7.66 -26.25 22.80
C GLU A 282 -8.00 -26.37 21.31
N THR A 283 -7.03 -26.67 20.45
CA THR A 283 -7.25 -26.82 18.99
C THR A 283 -8.35 -27.85 18.73
N ALA A 284 -8.36 -28.99 19.45
CA ALA A 284 -9.34 -30.08 19.20
C ALA A 284 -10.77 -29.55 19.32
N ARG A 285 -10.98 -28.55 20.17
CA ARG A 285 -12.31 -27.93 20.44
C ARG A 285 -12.79 -27.20 19.19
N TRP A 286 -11.87 -26.51 18.51
CA TRP A 286 -12.14 -25.76 17.25
C TRP A 286 -12.39 -26.75 16.13
N GLN A 287 -11.68 -27.89 16.11
CA GLN A 287 -11.78 -28.90 15.03
C GLN A 287 -13.13 -29.62 15.16
N ALA A 288 -13.58 -29.86 16.38
CA ALA A 288 -14.90 -30.46 16.68
C ALA A 288 -16.00 -29.56 16.12
N VAL A 289 -15.94 -28.25 16.37
CA VAL A 289 -16.93 -27.31 15.76
C VAL A 289 -16.81 -27.44 14.24
N GLY A 290 -15.58 -27.47 13.73
CA GLY A 290 -15.27 -27.55 12.30
C GLY A 290 -15.91 -28.76 11.67
N GLN A 291 -15.90 -29.89 12.40
CA GLN A 291 -16.48 -31.17 11.92
C GLN A 291 -17.98 -30.98 11.66
N GLU A 292 -18.67 -30.19 12.49
CA GLU A 292 -20.12 -29.92 12.29
C GLU A 292 -20.33 -29.22 10.94
N VAL A 293 -19.49 -28.21 10.62
CA VAL A 293 -19.55 -27.46 9.34
C VAL A 293 -19.41 -28.45 8.17
N VAL A 294 -18.38 -29.30 8.23
CA VAL A 294 -18.08 -30.32 7.19
C VAL A 294 -19.32 -31.19 6.98
N ASP A 295 -19.86 -31.78 8.06
CA ASP A 295 -21.04 -32.71 8.03
C ASP A 295 -22.23 -31.99 7.38
N GLU A 296 -22.56 -30.79 7.88
CA GLU A 296 -23.70 -29.98 7.39
C GLU A 296 -23.51 -29.67 5.90
N TRP A 297 -22.30 -29.30 5.50
CA TRP A 297 -22.02 -28.95 4.07
C TRP A 297 -22.23 -30.18 3.18
N ILE A 298 -21.74 -31.35 3.61
CA ILE A 298 -21.87 -32.59 2.78
C ILE A 298 -23.36 -32.88 2.60
N ALA A 299 -24.13 -32.82 3.70
CA ALA A 299 -25.58 -33.06 3.73
C ALA A 299 -26.28 -32.12 2.75
N GLU A 300 -26.00 -30.82 2.84
CA GLU A 300 -26.69 -29.79 2.02
C GLU A 300 -26.31 -29.97 0.55
N ALA A 301 -25.07 -30.38 0.26
CA ALA A 301 -24.57 -30.68 -1.10
C ALA A 301 -25.42 -31.80 -1.73
N GLU A 302 -25.81 -32.79 -0.93
CA GLU A 302 -26.58 -33.98 -1.38
C GLU A 302 -27.98 -33.53 -1.83
N GLU A 303 -28.73 -32.80 -0.99
CA GLU A 303 -30.06 -32.24 -1.35
C GLU A 303 -29.93 -31.28 -2.55
N LYS A 304 -28.81 -30.55 -2.66
CA LYS A 304 -28.52 -29.64 -3.79
C LYS A 304 -28.41 -30.46 -5.10
N GLY A 305 -27.98 -31.73 -5.03
CA GLY A 305 -27.72 -32.60 -6.19
C GLY A 305 -26.24 -32.70 -6.54
N LEU A 306 -25.37 -32.07 -5.76
CA LEU A 306 -23.90 -32.32 -5.76
C LEU A 306 -23.60 -33.58 -4.93
N ASP A 307 -22.61 -34.38 -5.36
CA ASP A 307 -22.05 -35.46 -4.51
C ASP A 307 -21.05 -34.84 -3.51
N GLY A 308 -21.54 -34.36 -2.37
CA GLY A 308 -20.75 -33.68 -1.34
C GLY A 308 -19.59 -34.54 -0.86
N GLN A 309 -19.87 -35.79 -0.49
CA GLN A 309 -18.85 -36.69 0.09
C GLN A 309 -17.72 -36.88 -0.92
N MET A 310 -18.06 -37.10 -2.19
CA MET A 310 -17.07 -37.35 -3.25
C MET A 310 -16.16 -36.12 -3.43
N LEU A 311 -16.71 -34.91 -3.46
CA LEU A 311 -15.85 -33.72 -3.66
C LEU A 311 -14.99 -33.53 -2.42
N TYR A 312 -15.58 -33.66 -1.24
CA TYR A 312 -14.84 -33.48 0.03
C TYR A 312 -13.72 -34.51 0.14
N ASP A 313 -13.97 -35.76 -0.26
CA ASP A 313 -12.97 -36.86 -0.21
C ASP A 313 -11.85 -36.58 -1.22
N ASP A 314 -12.17 -36.02 -2.39
CA ASP A 314 -11.15 -35.76 -3.44
C ASP A 314 -10.29 -34.56 -3.06
N ALA A 315 -10.92 -33.55 -2.46
CA ALA A 315 -10.20 -32.34 -1.97
C ALA A 315 -9.21 -32.78 -0.88
N THR A 316 -9.69 -33.56 0.09
CA THR A 316 -8.90 -34.05 1.26
C THR A 316 -7.77 -34.93 0.74
N ARG A 317 -8.06 -35.81 -0.23
CA ARG A 317 -7.06 -36.73 -0.81
C ARG A 317 -5.95 -35.90 -1.48
N LEU A 318 -6.33 -34.93 -2.31
CA LEU A 318 -5.37 -34.06 -3.04
C LEU A 318 -4.52 -33.24 -2.06
N VAL A 319 -5.10 -32.67 -1.00
CA VAL A 319 -4.30 -31.92 0.02
C VAL A 319 -3.22 -32.84 0.57
N GLU A 320 -3.60 -34.05 0.98
CA GLU A 320 -2.64 -35.00 1.63
C GLU A 320 -1.56 -35.34 0.61
N ARG A 321 -1.93 -35.68 -0.63
CA ARG A 321 -0.99 -36.05 -1.70
C ARG A 321 0.08 -34.96 -1.87
N TYR A 322 -0.31 -33.71 -2.08
CA TYR A 322 0.64 -32.60 -2.35
C TYR A 322 1.37 -32.19 -1.06
N THR A 323 0.82 -32.43 0.12
CA THR A 323 1.51 -32.12 1.41
C THR A 323 2.67 -33.12 1.62
N ARG A 324 2.41 -34.42 1.40
CA ARG A 324 3.39 -35.53 1.57
C ARG A 324 4.51 -35.38 0.54
N ALA A 325 4.18 -34.93 -0.67
CA ALA A 325 5.12 -34.63 -1.76
C ALA A 325 5.76 -33.25 -1.52
N TYR B 6 -14.92 13.08 21.25
CA TYR B 6 -14.83 13.54 19.83
C TYR B 6 -13.92 12.60 19.03
N THR B 7 -14.29 12.33 17.77
CA THR B 7 -13.55 11.39 16.88
C THR B 7 -12.82 12.17 15.78
N LEU B 8 -11.49 12.06 15.71
CA LEU B 8 -10.66 12.79 14.70
C LEU B 8 -10.18 11.79 13.64
N ARG B 9 -10.75 11.87 12.44
CA ARG B 9 -10.38 11.07 11.25
C ARG B 9 -9.25 11.73 10.44
N LEU B 10 -8.06 11.13 10.40
CA LEU B 10 -6.87 11.64 9.65
C LEU B 10 -6.75 10.89 8.30
N HIS B 11 -6.65 11.61 7.18
CA HIS B 11 -6.63 11.01 5.81
C HIS B 11 -5.35 11.45 5.09
N HIS B 12 -4.67 10.51 4.42
CA HIS B 12 -3.36 10.76 3.74
C HIS B 12 -3.18 9.68 2.65
N PHE B 13 -2.30 9.92 1.67
CA PHE B 13 -2.26 9.14 0.39
C PHE B 13 -1.08 8.16 0.43
N PHE B 14 -0.34 8.14 1.52
CA PHE B 14 0.79 7.20 1.77
C PHE B 14 0.24 5.94 2.41
N PRO B 15 0.88 4.76 2.20
CA PRO B 15 0.49 3.54 2.90
C PRO B 15 0.86 3.46 4.39
N ALA B 16 0.26 2.54 5.13
CA ALA B 16 0.46 2.43 6.59
C ALA B 16 1.93 2.12 6.89
N SER B 17 2.65 1.47 5.94
CA SER B 17 4.08 1.07 6.08
C SER B 17 5.03 2.28 6.08
N ALA B 18 4.58 3.44 5.57
CA ALA B 18 5.34 4.71 5.49
C ALA B 18 5.98 5.10 6.83
N PRO B 19 7.27 5.50 6.84
CA PRO B 19 7.91 5.93 8.09
C PRO B 19 7.16 7.01 8.89
N VAL B 20 6.46 7.96 8.24
CA VAL B 20 5.74 9.03 8.98
C VAL B 20 4.47 8.46 9.63
N HIS B 21 3.72 7.60 8.93
CA HIS B 21 2.54 6.93 9.51
C HIS B 21 2.98 6.13 10.75
N GLN B 22 4.07 5.39 10.63
CA GLN B 22 4.53 4.43 11.67
C GLN B 22 5.12 5.22 12.84
N GLU B 23 6.00 6.20 12.59
CA GLU B 23 6.88 6.75 13.65
C GLU B 23 6.25 8.03 14.20
N TYR B 24 5.29 8.62 13.47
CA TYR B 24 4.66 9.90 13.87
C TYR B 24 3.16 9.73 14.05
N PHE B 25 2.40 9.24 13.07
CA PHE B 25 0.92 9.29 13.23
C PHE B 25 0.50 8.34 14.36
N LEU B 26 1.13 7.18 14.47
CA LEU B 26 0.72 6.17 15.47
C LEU B 26 1.06 6.66 16.87
N PRO B 27 2.30 7.10 17.17
CA PRO B 27 2.56 7.76 18.45
C PRO B 27 1.73 9.03 18.71
N TRP B 28 1.31 9.74 17.64
CA TRP B 28 0.42 10.95 17.74
C TRP B 28 -0.95 10.49 18.25
N LYS B 29 -1.56 9.52 17.58
CA LYS B 29 -2.85 8.89 18.01
C LYS B 29 -2.74 8.45 19.48
N GLU B 30 -1.77 7.61 19.80
CA GLU B 30 -1.44 7.16 21.19
C GLU B 30 -1.50 8.37 22.16
N ALA B 31 -0.68 9.38 21.92
CA ALA B 31 -0.48 10.54 22.83
C ALA B 31 -1.78 11.34 22.97
N ILE B 32 -2.53 11.51 21.87
CA ILE B 32 -3.84 12.25 21.85
C ILE B 32 -4.82 11.55 22.80
N GLU B 33 -5.05 10.25 22.57
CA GLU B 33 -6.02 9.37 23.30
C GLU B 33 -5.64 9.27 24.78
N LYS B 34 -4.35 9.09 25.08
CA LYS B 34 -3.84 8.95 26.47
C LYS B 34 -4.06 10.27 27.21
N GLU B 35 -3.56 11.39 26.70
CA GLU B 35 -3.56 12.69 27.41
C GLU B 35 -4.98 13.25 27.50
N SER B 36 -5.90 12.79 26.64
CA SER B 36 -7.35 13.17 26.67
C SER B 36 -8.16 12.24 27.57
N ASP B 37 -7.52 11.29 28.25
CA ASP B 37 -8.22 10.29 29.11
C ASP B 37 -9.36 9.65 28.29
N GLY B 38 -9.11 9.33 27.01
CA GLY B 38 -10.05 8.63 26.11
C GLY B 38 -11.09 9.54 25.48
N ARG B 39 -11.08 10.83 25.82
CA ARG B 39 -12.13 11.79 25.39
C ARG B 39 -11.98 12.11 23.90
N LEU B 40 -10.76 12.06 23.38
CA LEU B 40 -10.51 12.19 21.92
C LEU B 40 -10.08 10.83 21.38
N ALA B 41 -10.73 10.38 20.31
CA ALA B 41 -10.31 9.24 19.47
C ALA B 41 -9.65 9.76 18.19
N VAL B 42 -8.52 9.18 17.79
CA VAL B 42 -7.93 9.39 16.43
C VAL B 42 -8.03 8.08 15.61
N GLU B 43 -8.78 8.11 14.49
CA GLU B 43 -8.78 7.04 13.44
C GLU B 43 -7.86 7.45 12.27
N LEU B 44 -6.78 6.70 12.02
CA LEU B 44 -5.81 6.93 10.92
C LEU B 44 -6.29 6.23 9.64
N TYR B 45 -6.33 6.90 8.47
CA TYR B 45 -6.76 6.29 7.17
C TYR B 45 -5.75 6.53 6.06
N PRO B 46 -4.93 5.53 5.69
CA PRO B 46 -3.89 5.72 4.66
C PRO B 46 -4.42 5.50 3.24
N SER B 47 -3.50 5.63 2.28
CA SER B 47 -3.63 5.21 0.86
C SER B 47 -4.98 5.65 0.32
N MET B 48 -5.44 6.82 0.73
CA MET B 48 -6.70 7.47 0.26
C MET B 48 -7.93 6.58 0.48
N GLN B 49 -7.92 5.79 1.55
CA GLN B 49 -8.95 4.71 1.70
C GLN B 49 -10.35 5.28 1.98
N LEU B 50 -10.49 6.58 2.27
CA LEU B 50 -11.81 7.26 2.44
C LEU B 50 -12.23 7.93 1.13
N GLY B 51 -11.45 7.82 0.05
CA GLY B 51 -11.85 8.31 -1.28
C GLY B 51 -11.25 9.64 -1.71
N GLY B 52 -11.48 10.00 -2.99
CA GLY B 52 -10.85 11.14 -3.69
C GLY B 52 -9.39 10.88 -4.04
N THR B 53 -8.73 11.85 -4.72
CA THR B 53 -7.30 11.82 -5.10
C THR B 53 -6.50 12.87 -4.29
N PRO B 54 -5.15 12.74 -4.21
CA PRO B 54 -4.35 13.58 -3.31
C PRO B 54 -4.59 15.09 -3.39
N PRO B 55 -4.75 15.70 -4.58
CA PRO B 55 -4.95 17.15 -4.63
C PRO B 55 -6.20 17.62 -3.89
N SER B 56 -7.18 16.73 -3.68
CA SER B 56 -8.49 17.03 -3.05
C SER B 56 -8.31 17.07 -1.53
N LEU B 57 -7.18 16.56 -1.01
CA LEU B 57 -7.02 16.34 0.44
C LEU B 57 -7.15 17.68 1.18
N TYR B 58 -6.46 18.73 0.74
CA TYR B 58 -6.50 20.01 1.49
C TYR B 58 -7.95 20.44 1.74
N ASP B 59 -8.76 20.48 0.68
CA ASP B 59 -10.20 20.87 0.79
C ASP B 59 -10.99 19.86 1.65
N GLN B 60 -10.62 18.58 1.67
CA GLN B 60 -11.35 17.56 2.48
C GLN B 60 -11.33 18.02 3.94
N ALA B 61 -10.19 18.55 4.40
CA ALA B 61 -10.00 19.04 5.79
C ALA B 61 -10.71 20.39 5.91
N LYS B 62 -10.39 21.33 5.02
CA LYS B 62 -10.95 22.71 5.07
C LYS B 62 -12.48 22.65 5.07
N ASP B 63 -13.12 21.76 4.28
CA ASP B 63 -14.60 21.73 4.15
C ASP B 63 -15.21 20.80 5.21
N GLY B 64 -14.38 20.06 5.94
CA GLY B 64 -14.78 19.24 7.11
C GLY B 64 -15.25 17.85 6.73
N GLN B 65 -14.90 17.34 5.54
CA GLN B 65 -15.22 15.96 5.09
C GLN B 65 -14.52 14.96 5.99
N VAL B 66 -13.27 15.26 6.33
CA VAL B 66 -12.44 14.59 7.35
C VAL B 66 -11.99 15.69 8.30
N ASP B 67 -11.28 15.33 9.38
CA ASP B 67 -10.86 16.28 10.45
C ASP B 67 -9.42 16.75 10.21
N ILE B 68 -8.54 15.83 9.79
CA ILE B 68 -7.07 16.04 9.62
C ILE B 68 -6.67 15.42 8.29
N ILE B 69 -5.84 16.13 7.52
CA ILE B 69 -5.26 15.60 6.24
C ILE B 69 -3.75 15.82 6.31
N TRP B 70 -3.03 15.07 5.50
CA TRP B 70 -1.58 15.24 5.28
C TRP B 70 -1.37 15.33 3.78
N THR B 71 -0.91 16.47 3.28
CA THR B 71 -0.85 16.67 1.81
C THR B 71 0.32 17.57 1.42
N VAL B 72 0.55 17.63 0.11
CA VAL B 72 1.57 18.51 -0.52
C VAL B 72 0.88 19.78 -1.03
N LEU B 73 1.31 20.95 -0.55
CA LEU B 73 0.67 22.22 -0.94
C LEU B 73 0.76 22.41 -2.46
N GLY B 74 1.88 22.01 -3.05
CA GLY B 74 2.20 22.23 -4.47
C GLY B 74 1.37 21.36 -5.40
N TYR B 75 0.58 20.44 -4.85
CA TYR B 75 -0.39 19.65 -5.67
C TYR B 75 -1.48 20.55 -6.24
N ASN B 76 -1.73 21.71 -5.63
CA ASN B 76 -2.71 22.72 -6.10
C ASN B 76 -1.93 23.88 -6.71
N SER B 77 -1.65 23.80 -8.00
CA SER B 77 -0.79 24.75 -8.72
C SER B 77 -1.32 26.16 -8.54
N GLY B 78 -0.46 27.07 -8.02
CA GLY B 78 -0.75 28.51 -7.84
C GLY B 78 -1.56 28.83 -6.60
N ARG B 79 -2.00 27.85 -5.85
CA ARG B 79 -2.89 28.05 -4.68
C ARG B 79 -2.11 28.67 -3.50
N PHE B 80 -0.85 28.27 -3.33
CA PHE B 80 -0.02 28.67 -2.16
C PHE B 80 1.29 29.26 -2.66
N PRO B 81 1.23 30.52 -3.17
CA PRO B 81 2.39 31.12 -3.81
C PRO B 81 3.54 31.37 -2.83
N ARG B 82 3.24 31.72 -1.57
CA ARG B 82 4.32 32.03 -0.58
C ARG B 82 5.02 30.74 -0.14
N ALA B 83 4.28 29.62 -0.11
CA ALA B 83 4.83 28.27 0.20
C ALA B 83 5.85 27.87 -0.87
N GLU B 84 5.70 28.33 -2.09
CA GLU B 84 6.58 27.89 -3.21
C GLU B 84 8.05 28.21 -2.94
N VAL B 85 8.38 29.20 -2.11
CA VAL B 85 9.81 29.53 -1.79
C VAL B 85 10.59 28.25 -1.41
N PHE B 86 9.96 27.32 -0.68
CA PHE B 86 10.59 26.08 -0.16
C PHE B 86 10.78 25.06 -1.28
N ASP B 87 10.33 25.34 -2.52
CA ASP B 87 10.56 24.44 -3.68
C ASP B 87 11.85 24.83 -4.42
N LEU B 88 12.58 25.89 -3.98
CA LEU B 88 13.68 26.47 -4.79
C LEU B 88 14.93 25.60 -4.65
N PRO B 89 15.71 25.48 -5.74
CA PRO B 89 16.87 24.59 -5.75
C PRO B 89 17.89 24.94 -4.64
N PHE B 90 18.35 23.92 -3.93
CA PHE B 90 19.47 24.01 -2.95
C PHE B 90 19.16 24.94 -1.79
N LEU B 91 17.88 25.21 -1.53
CA LEU B 91 17.44 25.91 -0.30
C LEU B 91 17.55 24.98 0.91
N PRO B 92 17.05 23.73 0.86
CA PRO B 92 16.91 22.94 2.08
C PRO B 92 18.18 22.19 2.53
N THR B 93 18.24 21.87 3.83
CA THR B 93 19.26 20.96 4.43
C THR B 93 18.56 19.63 4.72
N SER B 94 18.51 19.21 5.99
CA SER B 94 17.81 18.00 6.47
C SER B 94 16.29 18.22 6.47
N GLY B 95 15.52 17.13 6.49
CA GLY B 95 14.06 17.12 6.71
C GLY B 95 13.70 17.86 8.00
N ALA B 96 14.44 17.56 9.07
CA ALA B 96 14.22 18.06 10.45
C ALA B 96 14.37 19.59 10.49
N ALA B 97 15.55 20.10 10.11
CA ALA B 97 15.88 21.54 10.16
C ALA B 97 14.96 22.28 9.19
N THR B 98 14.80 21.77 7.99
CA THR B 98 14.04 22.49 6.93
C THR B 98 12.56 22.56 7.34
N SER B 99 12.05 21.51 7.97
CA SER B 99 10.65 21.41 8.41
C SER B 99 10.40 22.49 9.47
N GLN B 100 11.34 22.69 10.41
CA GLN B 100 11.19 23.72 11.48
C GLN B 100 11.11 25.09 10.83
N ALA B 101 11.99 25.35 9.86
CA ALA B 101 12.07 26.58 9.07
C ALA B 101 10.74 26.78 8.33
N ALA B 102 10.19 25.75 7.66
CA ALA B 102 8.90 25.84 6.94
C ALA B 102 7.76 26.18 7.91
N HIS B 103 7.69 25.54 9.08
CA HIS B 103 6.62 25.81 10.07
C HIS B 103 6.69 27.28 10.51
N GLU B 104 7.88 27.74 10.87
CA GLU B 104 8.13 29.14 11.35
C GLU B 104 7.78 30.12 10.21
N TYR B 105 8.23 29.86 8.98
CA TYR B 105 7.93 30.70 7.79
C TYR B 105 6.41 30.76 7.59
N ALA B 106 5.72 29.64 7.74
CA ALA B 106 4.27 29.55 7.44
C ALA B 106 3.50 30.36 8.49
N MET B 107 3.94 30.34 9.74
CA MET B 107 3.23 31.05 10.84
C MET B 107 3.47 32.56 10.70
N THR B 108 4.60 32.98 10.12
CA THR B 108 4.94 34.39 9.84
C THR B 108 4.22 34.92 8.59
N HIS B 109 4.28 34.22 7.47
CA HIS B 109 4.01 34.77 6.12
C HIS B 109 2.78 34.12 5.48
N MET B 110 2.29 32.98 5.96
CA MET B 110 1.23 32.26 5.20
C MET B 110 -0.10 32.26 5.96
N GLN B 111 -0.34 33.24 6.85
CA GLN B 111 -1.61 33.32 7.60
C GLN B 111 -2.79 33.36 6.62
N ASP B 112 -2.73 34.18 5.57
CA ASP B 112 -3.85 34.31 4.59
C ASP B 112 -3.94 33.03 3.75
N GLU B 113 -2.81 32.48 3.32
CA GLU B 113 -2.74 31.26 2.45
C GLU B 113 -3.44 30.09 3.12
N LEU B 114 -3.31 29.96 4.45
CA LEU B 114 -3.74 28.77 5.25
C LEU B 114 -5.05 29.06 5.99
N GLU B 115 -5.78 30.11 5.64
CA GLU B 115 -7.05 30.42 6.35
C GLU B 115 -8.04 29.29 6.07
N GLY B 116 -8.68 28.76 7.12
CA GLY B 116 -9.59 27.62 7.00
C GLY B 116 -9.05 26.37 7.66
N VAL B 117 -7.72 26.26 7.87
CA VAL B 117 -7.13 25.09 8.56
C VAL B 117 -6.35 25.54 9.80
N TYR B 118 -6.35 24.67 10.81
CA TYR B 118 -5.42 24.64 11.96
C TYR B 118 -4.23 23.77 11.59
N PRO B 119 -3.03 24.35 11.35
CA PRO B 119 -1.84 23.57 11.01
C PRO B 119 -1.28 22.84 12.23
N ILE B 120 -1.45 21.51 12.30
CA ILE B 120 -0.77 20.68 13.34
C ILE B 120 0.73 20.74 13.08
N ALA B 121 1.12 20.67 11.80
CA ALA B 121 2.53 20.82 11.36
C ALA B 121 2.57 21.24 9.90
N VAL B 122 3.38 22.28 9.66
CA VAL B 122 3.80 22.68 8.29
C VAL B 122 5.28 22.32 8.22
N HIS B 123 5.64 21.49 7.25
CA HIS B 123 6.96 20.84 7.21
C HIS B 123 7.39 20.64 5.75
N THR B 124 8.54 20.01 5.57
CA THR B 124 9.05 19.56 4.25
C THR B 124 9.39 18.07 4.38
N HIS B 125 9.71 17.45 3.24
CA HIS B 125 10.30 16.10 3.22
C HIS B 125 11.82 16.22 3.28
N SER B 126 12.48 15.09 3.50
CA SER B 126 13.96 14.99 3.53
C SER B 126 14.51 15.26 2.12
N PRO B 127 15.83 15.44 1.97
CA PRO B 127 16.45 15.71 0.67
C PRO B 127 15.94 14.93 -0.54
N GLY B 128 15.37 15.63 -1.51
CA GLY B 128 14.89 14.98 -2.75
C GLY B 128 16.06 14.48 -3.56
N ALA B 129 15.87 13.38 -4.28
CA ALA B 129 16.95 12.74 -5.04
C ALA B 129 16.41 12.35 -6.41
N LEU B 130 17.29 11.98 -7.33
CA LEU B 130 16.89 11.54 -8.69
C LEU B 130 16.76 10.03 -8.75
N HIS B 131 15.66 9.52 -9.30
CA HIS B 131 15.41 8.06 -9.39
C HIS B 131 14.97 7.77 -10.81
N THR B 132 15.66 6.83 -11.46
CA THR B 132 15.42 6.49 -12.87
C THR B 132 15.34 4.97 -13.02
N LYS B 133 14.61 4.55 -14.05
CA LYS B 133 14.45 3.12 -14.41
C LYS B 133 15.74 2.54 -15.00
N GLU B 134 16.44 3.28 -15.83
CA GLU B 134 17.54 2.72 -16.69
C GLU B 134 18.75 3.65 -16.69
N THR B 135 18.54 4.96 -16.79
CA THR B 135 19.62 5.93 -17.00
C THR B 135 20.33 6.20 -15.69
N ARG B 136 21.64 5.90 -15.63
CA ARG B 136 22.50 6.28 -14.50
C ARG B 136 22.94 7.72 -14.73
N ILE B 137 22.63 8.59 -13.78
CA ILE B 137 22.92 10.04 -13.89
C ILE B 137 24.25 10.33 -13.17
N GLU B 138 25.33 10.38 -13.96
CA GLU B 138 26.71 10.63 -13.48
C GLU B 138 27.11 12.08 -13.80
N ALA B 139 26.33 12.76 -14.66
CA ALA B 139 26.53 14.19 -14.99
C ALA B 139 25.21 14.81 -15.46
N LEU B 140 25.16 16.13 -15.42
CA LEU B 140 24.05 16.97 -15.95
C LEU B 140 23.60 16.50 -17.33
N GLU B 141 24.54 16.19 -18.24
CA GLU B 141 24.23 15.70 -19.60
C GLU B 141 23.31 14.48 -19.55
N ASP B 142 23.40 13.67 -18.49
CA ASP B 142 22.65 12.38 -18.43
C ASP B 142 21.15 12.65 -18.20
N ILE B 143 20.74 13.78 -17.66
CA ILE B 143 19.28 14.04 -17.44
C ILE B 143 18.60 14.54 -18.71
N GLU B 144 19.34 14.93 -19.75
CA GLU B 144 18.73 15.61 -20.92
C GLU B 144 17.74 14.67 -21.61
N GLY B 145 16.51 15.14 -21.80
CA GLY B 145 15.46 14.43 -22.55
C GLY B 145 14.72 13.40 -21.71
N LEU B 146 15.13 13.13 -20.46
CA LEU B 146 14.41 12.15 -19.59
C LEU B 146 13.06 12.75 -19.18
N LYS B 147 12.01 11.94 -19.25
CA LYS B 147 10.66 12.30 -18.72
C LYS B 147 10.65 12.10 -17.19
N MET B 148 10.63 13.20 -16.44
CA MET B 148 10.87 13.20 -14.97
C MET B 148 9.71 13.91 -14.27
N ARG B 149 9.21 13.37 -13.17
CA ARG B 149 8.09 14.00 -12.44
C ARG B 149 8.67 14.64 -11.18
N GLY B 150 8.30 15.87 -10.85
CA GLY B 150 8.46 16.38 -9.49
C GLY B 150 7.13 16.73 -8.84
N PRO B 151 7.16 17.25 -7.60
CA PRO B 151 5.94 17.47 -6.81
C PRO B 151 5.11 18.70 -7.15
N SER B 152 5.69 19.69 -7.84
CA SER B 152 5.11 21.05 -7.95
C SER B 152 5.62 21.76 -9.20
N ARG B 153 4.96 22.84 -9.62
CA ARG B 153 5.32 23.52 -10.89
C ARG B 153 6.75 24.07 -10.80
N LEU B 154 7.23 24.44 -9.60
CA LEU B 154 8.52 25.14 -9.48
C LEU B 154 9.66 24.11 -9.50
N VAL B 155 9.45 22.90 -8.97
CA VAL B 155 10.47 21.83 -9.13
C VAL B 155 10.45 21.34 -10.58
N ASN B 156 9.28 21.27 -11.22
CA ASN B 156 9.17 20.87 -12.65
C ASN B 156 9.89 21.91 -13.53
N ARG B 157 9.80 23.19 -13.18
CA ARG B 157 10.51 24.29 -13.92
C ARG B 157 12.02 23.99 -13.87
N TYR B 158 12.49 23.60 -12.69
CA TYR B 158 13.92 23.31 -12.45
C TYR B 158 14.32 22.12 -13.33
N LEU B 159 13.51 21.05 -13.33
CA LEU B 159 13.78 19.85 -14.16
C LEU B 159 13.95 20.28 -15.63
N ALA B 160 13.07 21.16 -16.12
CA ALA B 160 13.08 21.62 -17.52
C ALA B 160 14.39 22.39 -17.79
N LYS B 161 14.76 23.29 -16.88
CA LYS B 161 16.00 24.12 -16.96
C LYS B 161 17.24 23.22 -16.90
N LEU B 162 17.19 22.10 -16.17
CA LEU B 162 18.27 21.09 -16.16
C LEU B 162 18.33 20.31 -17.47
N GLY B 163 17.27 20.31 -18.27
CA GLY B 163 17.22 19.60 -19.59
C GLY B 163 16.28 18.42 -19.63
N ALA B 164 15.64 18.05 -18.52
CA ALA B 164 14.61 16.98 -18.47
C ALA B 164 13.34 17.49 -19.14
N GLU B 165 12.42 16.57 -19.44
CA GLU B 165 11.03 16.87 -19.87
C GLU B 165 10.10 16.54 -18.71
N PRO B 166 9.68 17.55 -17.94
CA PRO B 166 8.97 17.30 -16.70
C PRO B 166 7.53 16.92 -17.02
N ILE B 167 6.97 16.00 -16.26
CA ILE B 167 5.54 15.63 -16.40
C ILE B 167 4.93 15.64 -15.00
N GLY B 168 4.03 16.59 -14.76
CA GLY B 168 3.40 16.81 -13.45
C GLY B 168 2.34 15.78 -13.14
N MET B 169 2.37 15.30 -11.89
CA MET B 169 1.31 14.44 -11.29
C MET B 169 1.69 14.18 -9.86
N PRO B 170 0.70 13.87 -8.98
CA PRO B 170 1.00 13.40 -7.65
C PRO B 170 1.81 12.09 -7.69
N VAL B 171 2.60 11.87 -6.64
CA VAL B 171 3.57 10.74 -6.58
C VAL B 171 2.77 9.43 -6.52
N ALA B 172 1.50 9.50 -6.09
CA ALA B 172 0.62 8.31 -5.98
C ALA B 172 0.28 7.80 -7.38
N GLN B 173 0.55 8.61 -8.42
CA GLN B 173 0.36 8.23 -9.84
C GLN B 173 1.68 7.81 -10.50
N ALA B 174 2.82 8.04 -9.86
CA ALA B 174 4.14 7.73 -10.45
C ALA B 174 4.25 6.26 -10.87
N LEU B 175 3.84 5.31 -10.03
CA LEU B 175 4.13 3.89 -10.34
C LEU B 175 3.44 3.53 -11.67
N GLU B 176 2.19 3.95 -11.86
CA GLU B 176 1.42 3.67 -13.09
C GLU B 176 2.16 4.31 -14.27
N ALA B 177 2.57 5.57 -14.14
CA ALA B 177 3.18 6.32 -15.27
C ALA B 177 4.57 5.75 -15.61
N LEU B 178 5.38 5.40 -14.61
CA LEU B 178 6.67 4.73 -14.85
C LEU B 178 6.42 3.41 -15.57
N SER B 179 5.43 2.63 -15.15
CA SER B 179 5.21 1.25 -15.66
C SER B 179 4.80 1.32 -17.13
N ARG B 180 4.10 2.39 -17.52
CA ARG B 180 3.54 2.56 -18.90
C ARG B 180 4.59 3.23 -19.80
N GLY B 181 5.69 3.75 -19.24
CA GLY B 181 6.74 4.47 -20.03
C GLY B 181 6.37 5.93 -20.27
N VAL B 182 5.33 6.41 -19.59
CA VAL B 182 5.02 7.87 -19.57
C VAL B 182 6.17 8.60 -18.88
N LEU B 183 6.74 8.02 -17.82
CA LEU B 183 7.90 8.60 -17.11
C LEU B 183 9.12 7.69 -17.28
N ASP B 184 10.30 8.30 -17.27
CA ASP B 184 11.59 7.57 -17.13
C ASP B 184 12.03 7.56 -15.66
N GLY B 185 11.65 8.58 -14.91
CA GLY B 185 12.08 8.73 -13.52
C GLY B 185 11.25 9.73 -12.77
N THR B 186 11.65 9.99 -11.53
CA THR B 186 10.93 10.93 -10.64
C THR B 186 11.98 11.50 -9.69
N VAL B 187 11.72 12.69 -9.18
CA VAL B 187 12.42 13.16 -7.96
C VAL B 187 11.51 12.87 -6.77
N ILE B 188 12.06 12.35 -5.69
CA ILE B 188 11.38 12.11 -4.39
C ILE B 188 12.49 11.83 -3.39
N PRO B 189 12.23 11.96 -2.07
CA PRO B 189 13.19 11.47 -1.07
C PRO B 189 13.19 9.94 -1.09
N PHE B 190 14.17 9.30 -0.45
CA PHE B 190 14.29 7.83 -0.38
C PHE B 190 13.22 7.18 0.52
N GLU B 191 12.62 7.92 1.46
CA GLU B 191 12.04 7.40 2.74
C GLU B 191 10.90 6.40 2.49
N ALA B 192 10.13 6.51 1.42
CA ALA B 192 8.96 5.62 1.24
C ALA B 192 9.03 4.86 -0.09
N ILE B 193 10.21 4.80 -0.76
CA ILE B 193 10.28 4.31 -2.18
C ILE B 193 9.84 2.86 -2.21
N THR B 194 10.09 2.11 -1.13
CA THR B 194 9.73 0.67 -0.96
C THR B 194 8.21 0.55 -0.75
N ALA B 195 7.66 1.34 0.16
CA ALA B 195 6.23 1.34 0.55
C ALA B 195 5.37 1.62 -0.69
N MET B 196 5.86 2.52 -1.56
CA MET B 196 5.17 3.00 -2.78
C MET B 196 5.35 2.00 -3.94
N GLY B 197 6.12 0.93 -3.72
CA GLY B 197 6.36 -0.14 -4.71
C GLY B 197 7.26 0.36 -5.84
N LEU B 198 8.18 1.29 -5.57
CA LEU B 198 9.05 1.94 -6.59
C LEU B 198 10.51 1.48 -6.51
N ALA B 199 10.97 0.79 -5.45
CA ALA B 199 12.40 0.50 -5.24
C ALA B 199 12.93 -0.52 -6.28
N ASP B 200 12.09 -1.40 -6.82
CA ASP B 200 12.50 -2.33 -7.91
C ASP B 200 12.05 -1.82 -9.28
N ILE B 201 11.54 -0.59 -9.36
CA ILE B 201 11.14 0.07 -10.63
C ILE B 201 12.23 1.08 -10.96
N THR B 202 12.45 2.07 -10.08
CA THR B 202 13.54 3.05 -10.30
C THR B 202 14.73 2.62 -9.43
N THR B 203 15.67 1.89 -10.02
CA THR B 203 16.81 1.26 -9.34
C THR B 203 18.09 2.08 -9.52
N GLU B 204 18.07 3.15 -10.33
CA GLU B 204 19.19 4.11 -10.41
C GLU B 204 18.88 5.36 -9.59
N HIS B 205 19.77 5.71 -8.67
CA HIS B 205 19.51 6.83 -7.74
C HIS B 205 20.72 7.75 -7.71
N THR B 206 20.52 9.05 -7.83
CA THR B 206 21.63 10.02 -7.77
C THR B 206 21.38 10.99 -6.63
N ILE B 207 22.45 11.28 -5.87
CA ILE B 207 22.45 12.23 -4.73
C ILE B 207 23.60 13.20 -4.98
N PHE B 208 23.66 14.29 -4.20
CA PHE B 208 24.53 15.45 -4.43
C PHE B 208 25.47 15.68 -3.25
N SER B 209 26.57 16.39 -3.51
CA SER B 209 27.58 16.82 -2.53
C SER B 209 27.14 18.11 -1.85
N GLY B 210 27.71 18.37 -0.68
CA GLY B 210 27.52 19.64 0.03
C GLY B 210 26.36 19.56 1.00
N ASP B 211 26.17 20.66 1.74
CA ASP B 211 25.30 20.78 2.93
C ASP B 211 23.89 21.20 2.52
N ARG B 212 23.60 21.25 1.22
CA ARG B 212 22.25 21.62 0.72
C ARG B 212 21.78 20.52 -0.24
N ALA B 213 20.52 20.14 -0.10
CA ALA B 213 19.83 19.12 -0.91
C ALA B 213 19.33 19.76 -2.20
N LEU B 214 19.06 18.96 -3.22
CA LEU B 214 18.60 19.45 -4.55
C LEU B 214 17.36 20.34 -4.38
N TYR B 215 16.35 19.86 -3.64
CA TYR B 215 15.04 20.51 -3.48
C TYR B 215 14.28 19.78 -2.38
N THR B 216 13.21 20.41 -1.89
CA THR B 216 12.13 19.78 -1.09
C THR B 216 10.83 20.43 -1.52
N THR B 217 9.75 20.16 -0.83
CA THR B 217 8.47 20.83 -1.09
C THR B 217 7.69 20.88 0.22
N MET B 218 6.83 21.86 0.35
CA MET B 218 6.18 22.13 1.64
C MET B 218 4.93 21.28 1.79
N MET B 219 4.81 20.65 2.95
CA MET B 219 3.66 19.74 3.23
C MET B 219 2.97 20.25 4.49
N ILE B 220 1.77 19.76 4.73
CA ILE B 220 0.97 20.19 5.90
C ILE B 220 0.18 19.01 6.44
N VAL B 221 0.24 18.83 7.75
CA VAL B 221 -0.81 18.12 8.53
C VAL B 221 -1.80 19.20 8.94
N ALA B 222 -2.95 19.24 8.26
CA ALA B 222 -3.97 20.30 8.42
C ALA B 222 -5.22 19.73 9.08
N MET B 223 -5.65 20.36 10.19
CA MET B 223 -6.96 20.07 10.81
C MET B 223 -7.98 21.14 10.37
N ASP B 224 -9.16 20.73 9.92
CA ASP B 224 -10.31 21.63 9.70
C ASP B 224 -10.40 22.64 10.87
N GLN B 225 -10.34 23.95 10.62
CA GLN B 225 -10.41 25.00 11.67
C GLN B 225 -11.75 24.92 12.41
N ASP B 226 -12.85 24.66 11.69
CA ASP B 226 -14.20 24.45 12.25
C ASP B 226 -14.16 23.35 13.31
N LYS B 227 -13.42 22.25 13.07
CA LYS B 227 -13.43 21.09 13.98
C LYS B 227 -12.69 21.45 15.26
N TYR B 228 -11.53 22.10 15.13
CA TYR B 228 -10.71 22.59 16.27
C TYR B 228 -11.56 23.53 17.13
N ASP B 229 -12.32 24.41 16.47
CA ASP B 229 -13.07 25.51 17.13
C ASP B 229 -14.23 24.90 17.91
N ALA B 230 -14.72 23.73 17.50
CA ALA B 230 -15.89 23.05 18.11
C ALA B 230 -15.44 22.18 19.29
N LEU B 231 -14.13 22.00 19.52
CA LEU B 231 -13.59 21.20 20.66
C LEU B 231 -13.76 21.98 21.96
N PRO B 232 -14.15 21.32 23.08
CA PRO B 232 -14.22 21.98 24.38
C PRO B 232 -12.85 22.51 24.79
N GLU B 233 -12.84 23.51 25.67
CA GLU B 233 -11.66 24.34 26.02
C GLU B 233 -10.65 23.50 26.79
N ASP B 234 -11.08 22.39 27.41
CA ASP B 234 -10.19 21.51 28.22
C ASP B 234 -9.50 20.49 27.31
N LEU B 235 -9.98 20.32 26.07
CA LEU B 235 -9.39 19.41 25.05
C LEU B 235 -8.53 20.17 24.01
N GLN B 236 -8.85 21.43 23.70
CA GLN B 236 -8.14 22.18 22.63
C GLN B 236 -6.65 22.24 22.95
N PRO B 237 -6.24 22.48 24.22
CA PRO B 237 -4.83 22.43 24.61
C PRO B 237 -4.15 21.08 24.37
N ILE B 238 -4.91 20.00 24.23
CA ILE B 238 -4.37 18.62 23.97
C ILE B 238 -3.88 18.59 22.51
N ILE B 239 -4.63 19.15 21.56
CA ILE B 239 -4.12 19.39 20.17
C ILE B 239 -2.87 20.28 20.24
N ASP B 240 -2.99 21.47 20.84
CA ASP B 240 -1.92 22.50 20.85
C ASP B 240 -0.63 21.85 21.36
N ALA B 241 -0.73 20.99 22.39
CA ALA B 241 0.40 20.31 23.06
C ALA B 241 1.03 19.31 22.08
N HIS B 242 0.31 18.93 21.03
CA HIS B 242 0.82 18.09 19.91
C HIS B 242 0.64 18.80 18.56
N ALA B 243 0.99 20.08 18.49
CA ALA B 243 0.97 20.92 17.27
C ALA B 243 2.16 21.87 17.33
N GLY B 244 2.66 22.27 16.15
CA GLY B 244 3.66 23.33 16.00
C GLY B 244 4.98 22.82 15.45
N GLY B 245 6.02 23.65 15.60
CA GLY B 245 7.34 23.49 14.98
C GLY B 245 8.12 22.29 15.50
N ARG B 246 7.86 21.85 16.74
CA ARG B 246 8.51 20.65 17.34
C ARG B 246 7.98 19.41 16.60
N GLU B 247 6.71 19.44 16.23
CA GLU B 247 6.03 18.34 15.49
C GLU B 247 6.55 18.30 14.05
N ALA B 248 6.73 19.46 13.43
CA ALA B 248 7.32 19.53 12.08
C ALA B 248 8.76 19.00 12.15
N TYR B 249 9.53 19.35 13.18
CA TYR B 249 10.92 18.85 13.41
C TYR B 249 10.94 17.32 13.50
N ARG B 250 9.99 16.78 14.26
CA ARG B 250 9.85 15.33 14.50
C ARG B 250 9.58 14.63 13.16
N ILE B 251 8.60 15.13 12.40
CA ILE B 251 8.17 14.53 11.09
C ILE B 251 9.37 14.53 10.16
N GLY B 252 10.07 15.66 10.04
CA GLY B 252 11.31 15.78 9.26
C GLY B 252 12.34 14.77 9.71
N GLN B 253 12.51 14.59 11.03
CA GLN B 253 13.63 13.80 11.57
C GLN B 253 13.42 12.33 11.20
N ILE B 254 12.17 11.87 11.34
CA ILE B 254 11.67 10.53 10.94
C ILE B 254 12.02 10.28 9.48
N MET B 255 11.92 11.29 8.63
CA MET B 255 12.15 11.08 7.18
C MET B 255 13.65 10.98 6.96
N ASP B 256 14.42 11.75 7.73
CA ASP B 256 15.91 11.74 7.65
C ASP B 256 16.40 10.34 8.03
N GLN B 257 15.81 9.78 9.08
CA GLN B 257 16.17 8.47 9.68
C GLN B 257 15.78 7.40 8.66
N ALA B 258 14.56 7.46 8.12
CA ALA B 258 14.04 6.52 7.10
C ALA B 258 14.87 6.61 5.81
N ASP B 259 15.27 7.81 5.39
CA ASP B 259 16.15 7.98 4.21
C ASP B 259 17.49 7.27 4.44
N HIS B 260 18.07 7.45 5.62
CA HIS B 260 19.37 6.87 6.01
C HIS B 260 19.34 5.35 5.88
N ARG B 261 18.28 4.75 6.41
CA ARG B 261 18.07 3.28 6.41
C ARG B 261 17.94 2.76 4.98
N GLN B 262 17.12 3.39 4.14
CA GLN B 262 16.85 2.90 2.75
C GLN B 262 18.13 3.05 1.92
N ILE B 263 18.89 4.11 2.17
CA ILE B 263 20.20 4.35 1.49
C ILE B 263 21.21 3.30 1.95
N LEU B 264 21.34 3.05 3.26
CA LEU B 264 22.26 1.98 3.76
C LEU B 264 21.88 0.65 3.12
N ALA B 265 20.60 0.34 3.05
CA ALA B 265 20.08 -0.94 2.51
C ALA B 265 20.55 -1.12 1.05
N ILE B 266 20.53 -0.06 0.24
CA ILE B 266 20.95 -0.16 -1.20
C ILE B 266 22.47 -0.21 -1.26
N GLN B 267 23.17 0.66 -0.49
CA GLN B 267 24.66 0.71 -0.49
C GLN B 267 25.21 -0.67 -0.08
N SER B 268 24.50 -1.38 0.80
CA SER B 268 24.95 -2.66 1.39
C SER B 268 24.62 -3.83 0.47
N GLY B 269 23.78 -3.64 -0.54
CA GLY B 269 23.33 -4.73 -1.44
C GLY B 269 22.14 -5.49 -0.86
N GLU B 270 21.59 -5.03 0.26
CA GLU B 270 20.42 -5.70 0.91
C GLU B 270 19.18 -5.47 0.05
N GLN B 271 19.14 -4.36 -0.68
CA GLN B 271 18.05 -4.08 -1.66
C GLN B 271 18.73 -3.73 -2.97
N PRO B 272 18.25 -4.30 -4.12
CA PRO B 272 18.80 -3.96 -5.42
C PRO B 272 18.71 -2.45 -5.70
N GLY B 273 19.67 -1.98 -6.50
CA GLY B 273 19.78 -0.59 -6.96
C GLY B 273 21.21 -0.10 -6.81
N THR B 274 21.47 1.11 -7.31
CA THR B 274 22.80 1.80 -7.34
C THR B 274 22.61 3.27 -6.94
N ILE B 275 23.37 3.73 -5.96
CA ILE B 275 23.45 5.16 -5.58
C ILE B 275 24.74 5.74 -6.17
N THR B 276 24.59 6.71 -7.07
CA THR B 276 25.68 7.48 -7.70
C THR B 276 25.76 8.82 -6.95
N ARG B 277 26.92 9.16 -6.39
CA ARG B 277 27.16 10.39 -5.59
C ARG B 277 27.87 11.39 -6.49
N LEU B 278 27.28 12.56 -6.75
CA LEU B 278 27.95 13.55 -7.64
C LEU B 278 28.89 14.40 -6.79
N GLY B 279 30.12 14.61 -7.27
CA GLY B 279 31.16 15.40 -6.59
C GLY B 279 30.86 16.88 -6.54
N SER B 280 31.75 17.64 -5.91
CA SER B 280 31.63 19.11 -5.65
C SER B 280 31.49 19.91 -6.95
N GLU B 281 32.40 19.69 -7.91
CA GLU B 281 32.42 20.37 -9.24
C GLU B 281 31.13 20.04 -10.01
N GLU B 282 30.80 18.76 -10.18
CA GLU B 282 29.55 18.32 -10.88
C GLU B 282 28.32 18.92 -10.20
N THR B 283 28.22 18.82 -8.87
CA THR B 283 27.08 19.36 -8.09
C THR B 283 26.95 20.86 -8.34
N ALA B 284 28.09 21.57 -8.45
CA ALA B 284 28.11 23.04 -8.64
C ALA B 284 27.37 23.40 -9.93
N ARG B 285 27.35 22.50 -10.93
CA ARG B 285 26.73 22.78 -12.26
C ARG B 285 25.21 22.80 -12.11
N TRP B 286 24.69 21.93 -11.26
CA TRP B 286 23.24 21.81 -10.96
C TRP B 286 22.83 23.01 -10.13
N GLN B 287 23.69 23.39 -9.18
CA GLN B 287 23.50 24.58 -8.34
C GLN B 287 23.42 25.85 -9.19
N ALA B 288 24.25 25.97 -10.23
CA ALA B 288 24.23 27.18 -11.10
C ALA B 288 22.91 27.27 -11.88
N VAL B 289 22.40 26.14 -12.39
CA VAL B 289 21.07 26.11 -13.08
C VAL B 289 20.04 26.52 -12.03
N GLY B 290 20.18 25.97 -10.82
CA GLY B 290 19.31 26.29 -9.69
C GLY B 290 19.25 27.78 -9.41
N GLN B 291 20.37 28.49 -9.53
CA GLN B 291 20.41 29.94 -9.21
C GLN B 291 19.54 30.71 -10.22
N GLU B 292 19.46 30.23 -11.47
CA GLU B 292 18.56 30.81 -12.51
C GLU B 292 17.09 30.71 -12.05
N VAL B 293 16.72 29.58 -11.45
CA VAL B 293 15.33 29.37 -10.97
C VAL B 293 15.06 30.35 -9.83
N VAL B 294 16.02 30.53 -8.92
CA VAL B 294 15.83 31.45 -7.76
C VAL B 294 15.69 32.88 -8.30
N ASP B 295 16.58 33.31 -9.19
CA ASP B 295 16.60 34.70 -9.71
C ASP B 295 15.28 35.01 -10.42
N GLU B 296 14.78 34.08 -11.23
CA GLU B 296 13.53 34.24 -12.00
C GLU B 296 12.31 34.20 -11.07
N TRP B 297 12.33 33.37 -10.03
CA TRP B 297 11.21 33.31 -9.05
C TRP B 297 11.13 34.66 -8.33
N ILE B 298 12.26 35.17 -7.85
CA ILE B 298 12.26 36.49 -7.11
C ILE B 298 11.77 37.62 -8.03
N ALA B 299 12.26 37.69 -9.27
CA ALA B 299 11.84 38.71 -10.28
C ALA B 299 10.34 38.57 -10.61
N GLU B 300 9.83 37.35 -10.83
CA GLU B 300 8.39 37.12 -11.12
C GLU B 300 7.55 37.53 -9.91
N ALA B 301 8.06 37.33 -8.70
CA ALA B 301 7.35 37.58 -7.41
C ALA B 301 7.04 39.08 -7.30
N GLU B 302 8.05 39.91 -7.58
CA GLU B 302 7.97 41.39 -7.47
C GLU B 302 6.94 41.92 -8.46
N GLU B 303 6.89 41.36 -9.68
CA GLU B 303 5.98 41.82 -10.77
C GLU B 303 4.56 41.30 -10.50
N LYS B 304 4.38 40.40 -9.54
CA LYS B 304 3.06 40.01 -8.98
C LYS B 304 2.86 40.68 -7.62
N GLY B 305 3.67 41.68 -7.28
CA GLY B 305 3.56 42.48 -6.04
C GLY B 305 3.78 41.66 -4.78
N LEU B 306 4.50 40.54 -4.88
CA LEU B 306 5.01 39.71 -3.75
C LEU B 306 6.45 40.16 -3.49
N ASP B 307 6.85 40.43 -2.24
CA ASP B 307 8.27 40.72 -1.94
C ASP B 307 9.03 39.39 -1.89
N GLY B 308 9.36 38.87 -3.08
CA GLY B 308 10.10 37.61 -3.30
C GLY B 308 11.45 37.61 -2.61
N GLN B 309 12.20 38.71 -2.68
CA GLN B 309 13.58 38.75 -2.15
C GLN B 309 13.53 38.63 -0.61
N MET B 310 12.57 39.30 0.02
CA MET B 310 12.31 39.23 1.48
C MET B 310 11.91 37.79 1.86
N LEU B 311 11.00 37.17 1.11
CA LEU B 311 10.53 35.79 1.43
C LEU B 311 11.68 34.78 1.28
N TYR B 312 12.50 34.91 0.22
CA TYR B 312 13.69 34.07 -0.01
C TYR B 312 14.70 34.26 1.13
N ASP B 313 14.96 35.52 1.52
CA ASP B 313 15.95 35.84 2.59
C ASP B 313 15.50 35.23 3.91
N ASP B 314 14.20 35.34 4.22
CA ASP B 314 13.65 34.75 5.48
C ASP B 314 13.76 33.22 5.40
N ALA B 315 13.35 32.59 4.31
CA ALA B 315 13.43 31.12 4.20
C ALA B 315 14.88 30.64 4.44
N THR B 316 15.83 31.20 3.70
CA THR B 316 17.27 30.81 3.74
C THR B 316 17.83 31.08 5.14
N ARG B 317 17.42 32.17 5.78
CA ARG B 317 17.90 32.51 7.15
C ARG B 317 17.33 31.48 8.14
N LEU B 318 16.03 31.16 8.05
CA LEU B 318 15.40 30.19 8.98
C LEU B 318 16.03 28.80 8.80
N VAL B 319 16.32 28.39 7.55
CA VAL B 319 16.99 27.08 7.31
C VAL B 319 18.35 27.13 8.00
N GLU B 320 19.10 28.21 7.81
CA GLU B 320 20.45 28.32 8.41
C GLU B 320 20.32 28.28 9.94
N ARG B 321 19.34 28.97 10.54
CA ARG B 321 19.22 29.02 12.03
C ARG B 321 18.95 27.61 12.57
N TYR B 322 18.00 26.88 11.99
CA TYR B 322 17.55 25.55 12.49
C TYR B 322 18.57 24.45 12.16
N THR B 323 19.30 24.59 11.07
CA THR B 323 20.40 23.66 10.71
C THR B 323 21.48 23.75 11.80
N ARG B 324 21.96 24.96 12.12
CA ARG B 324 23.07 25.19 13.09
C ARG B 324 22.68 24.74 14.51
N ALA B 325 21.40 24.90 14.87
CA ALA B 325 20.82 24.37 16.13
C ALA B 325 20.97 22.84 16.13
#